data_1CB7
#
_entry.id   1CB7
#
_cell.length_a   64.330
_cell.length_b   113.140
_cell.length_c   108.610
_cell.angle_alpha   90.00
_cell.angle_beta   95.62
_cell.angle_gamma   90.00
#
_symmetry.space_group_name_H-M   'P 1 21 1'
#
loop_
_entity.id
_entity.type
_entity.pdbx_description
1 polymer 'PROTEIN (GLUTAMATE MUTASE)'
2 polymer 'PROTEIN (GLUTAMATE MUTASE)'
3 non-polymer CO-METHYLCOBALAMIN
4 non-polymer 'D(-)-TARTARIC ACID'
5 water water
#
loop_
_entity_poly.entity_id
_entity_poly.type
_entity_poly.pdbx_seq_one_letter_code
_entity_poly.pdbx_strand_id
1 'polypeptide(L)'
;MEKKTIVLGVIGSDCHAVGNKILDHAFTNAGFNVVNIGVLSPQELFIKAAIETKADAILVSSLYGQGEIDCKGLRQKCDE
AGLEGILLYVGGNIVVGKQHWPDVEKRFKDMGYDRVYAPGTPPEVGIADLKKDLNIE
;
A,C
2 'polypeptide(L)'
;MELKNKKWTDEEFHKQREEVLQQWPTGKEVDLQEAVDYLKKIPAEKNFAEKLVLAKKKGITMAQPRAGVALLDEHIELLR
YLQDEGGADFLPSTIDAYTRQNRYDECENGIKESEKAGRSLLNGFPGVNFGVKGCRKVLEAVNLPLQARHGTPDSRLLAE
IIHAGGWTSNEGGGISYNVPYAKNVTIEKSLLDWQYCDRLVGFYEEQGVHINREPFGPLTGTLVPPSMSNAVGITEALLA
AEQGVKNITVGYGECGNMIQDIAALRCLEEQTNEYLKAYGYNDVFVTTVFHQWMGGFPQDESKAFGVIVTATTIAALAGA
TKVIVKTPHEAIGIPTKEANAAGIKATKMALNMLEGQRMPMSKELETEMAVIKAETKCILDKMFELGKGDLAIGTVKAFE
TGVMDIPFGPSKYNAGKMMPVRDNLGCVRYLEFGNVPFTEEIKNYNRERLQERAKFEGRDVSFQMVIDDIFAVGKGRLIG
RPE
;
B,D
#
# COMPACT_ATOMS: atom_id res chain seq x y z
N MET A 1 -15.54 -14.11 -40.06
CA MET A 1 -14.61 -15.19 -40.35
C MET A 1 -15.35 -16.49 -40.67
N GLU A 2 -14.71 -17.35 -41.45
CA GLU A 2 -15.21 -18.68 -41.79
C GLU A 2 -15.26 -19.57 -40.54
N LYS A 3 -16.21 -20.49 -40.49
CA LYS A 3 -16.59 -21.29 -39.35
C LYS A 3 -15.72 -22.52 -39.08
N LYS A 4 -14.81 -22.38 -38.13
CA LYS A 4 -13.98 -23.53 -37.79
C LYS A 4 -14.29 -24.04 -36.40
N THR A 5 -13.83 -25.26 -36.11
CA THR A 5 -14.09 -25.85 -34.81
C THR A 5 -12.81 -26.02 -34.00
N ILE A 6 -12.90 -25.65 -32.72
CA ILE A 6 -11.81 -25.86 -31.78
C ILE A 6 -12.27 -26.61 -30.54
N VAL A 7 -11.32 -27.31 -29.92
CA VAL A 7 -11.54 -27.90 -28.60
C VAL A 7 -10.85 -27.00 -27.58
N LEU A 8 -11.54 -26.70 -26.48
CA LEU A 8 -11.03 -25.85 -25.42
C LEU A 8 -11.25 -26.48 -24.05
N GLY A 9 -10.24 -26.37 -23.19
CA GLY A 9 -10.34 -26.85 -21.84
C GLY A 9 -9.14 -26.50 -20.97
N VAL A 10 -9.21 -26.94 -19.70
CA VAL A 10 -8.13 -26.77 -18.74
C VAL A 10 -7.66 -28.14 -18.27
N ILE A 11 -6.35 -28.38 -18.34
CA ILE A 11 -5.78 -29.70 -18.29
C ILE A 11 -5.35 -30.11 -16.89
N GLY A 12 -5.42 -31.40 -16.61
CA GLY A 12 -4.90 -31.98 -15.39
C GLY A 12 -5.79 -31.84 -14.17
N SER A 13 -5.14 -31.55 -13.02
CA SER A 13 -5.85 -31.34 -11.77
C SER A 13 -6.17 -29.87 -11.49
N ASP A 14 -6.24 -29.06 -12.54
CA ASP A 14 -6.41 -27.62 -12.55
C ASP A 14 -7.90 -27.27 -12.62
N CYS A 15 -8.37 -26.53 -11.63
CA CYS A 15 -9.78 -26.18 -11.52
C CYS A 15 -10.06 -24.76 -11.98
N HIS A 16 -9.06 -23.98 -12.36
CA HIS A 16 -9.33 -22.58 -12.72
C HIS A 16 -10.32 -22.49 -13.86
N ALA A 17 -11.44 -21.79 -13.65
CA ALA A 17 -12.55 -21.80 -14.60
C ALA A 17 -12.89 -20.47 -15.23
N VAL A 18 -12.49 -19.33 -14.68
CA VAL A 18 -12.98 -18.05 -15.20
C VAL A 18 -12.41 -17.74 -16.59
N GLY A 19 -11.10 -17.94 -16.74
CA GLY A 19 -10.40 -17.80 -17.99
C GLY A 19 -11.06 -18.64 -19.07
N ASN A 20 -11.44 -19.87 -18.74
CA ASN A 20 -12.11 -20.75 -19.70
C ASN A 20 -13.41 -20.14 -20.17
N LYS A 21 -14.16 -19.51 -19.26
CA LYS A 21 -15.43 -18.92 -19.70
C LYS A 21 -15.21 -17.72 -20.62
N ILE A 22 -14.19 -16.93 -20.35
CA ILE A 22 -13.88 -15.76 -21.18
C ILE A 22 -13.41 -16.21 -22.55
N LEU A 23 -12.57 -17.26 -22.58
CA LEU A 23 -12.03 -17.70 -23.86
C LEU A 23 -13.14 -18.25 -24.74
N ASP A 24 -14.03 -19.00 -24.09
CA ASP A 24 -15.17 -19.57 -24.81
C ASP A 24 -15.96 -18.45 -25.48
N HIS A 25 -16.32 -17.45 -24.66
CA HIS A 25 -17.13 -16.33 -25.17
C HIS A 25 -16.44 -15.59 -26.29
N ALA A 26 -15.17 -15.29 -26.10
CA ALA A 26 -14.43 -14.53 -27.10
C ALA A 26 -14.28 -15.28 -28.41
N PHE A 27 -13.89 -16.55 -28.32
CA PHE A 27 -13.67 -17.34 -29.54
C PHE A 27 -15.01 -17.58 -30.21
N THR A 28 -16.02 -17.75 -29.35
CA THR A 28 -17.35 -17.89 -29.95
C THR A 28 -17.72 -16.59 -30.66
N ASN A 29 -17.52 -15.48 -29.96
CA ASN A 29 -17.85 -14.22 -30.62
C ASN A 29 -17.04 -13.99 -31.89
N ALA A 30 -15.85 -14.56 -31.98
CA ALA A 30 -15.05 -14.41 -33.19
C ALA A 30 -15.54 -15.27 -34.36
N GLY A 31 -16.45 -16.21 -34.11
CA GLY A 31 -17.01 -17.01 -35.16
C GLY A 31 -16.66 -18.49 -35.12
N PHE A 32 -15.93 -18.91 -34.10
CA PHE A 32 -15.58 -20.30 -33.87
C PHE A 32 -16.67 -21.10 -33.16
N ASN A 33 -16.72 -22.36 -33.56
CA ASN A 33 -17.48 -23.40 -32.90
C ASN A 33 -16.58 -23.96 -31.79
N VAL A 34 -16.84 -23.49 -30.57
CA VAL A 34 -16.03 -23.86 -29.41
C VAL A 34 -16.59 -25.08 -28.69
N VAL A 35 -15.80 -26.15 -28.71
CA VAL A 35 -16.11 -27.39 -28.02
C VAL A 35 -15.38 -27.38 -26.68
N ASN A 36 -16.08 -26.91 -25.66
CA ASN A 36 -15.51 -26.61 -24.37
C ASN A 36 -15.63 -27.77 -23.40
N ILE A 37 -14.55 -28.50 -23.18
CA ILE A 37 -14.62 -29.65 -22.28
C ILE A 37 -14.39 -29.27 -20.84
N GLY A 38 -14.14 -27.99 -20.55
CA GLY A 38 -14.01 -27.58 -19.17
C GLY A 38 -12.75 -27.92 -18.44
N VAL A 39 -12.83 -27.82 -17.11
CA VAL A 39 -11.67 -27.94 -16.23
C VAL A 39 -11.38 -29.38 -15.82
N LEU A 40 -10.25 -29.60 -15.19
CA LEU A 40 -9.83 -30.89 -14.65
C LEU A 40 -9.91 -31.98 -15.71
N SER A 41 -9.49 -31.65 -16.92
CA SER A 41 -9.52 -32.50 -18.09
C SER A 41 -8.20 -33.19 -18.37
N PRO A 42 -8.20 -34.52 -18.41
CA PRO A 42 -7.01 -35.24 -18.89
C PRO A 42 -6.88 -35.15 -20.41
N GLN A 43 -5.67 -35.45 -20.89
CA GLN A 43 -5.30 -35.43 -22.29
C GLN A 43 -6.29 -36.13 -23.23
N GLU A 44 -6.73 -37.31 -22.81
CA GLU A 44 -7.66 -38.13 -23.57
C GLU A 44 -8.98 -37.44 -23.87
N LEU A 45 -9.48 -36.60 -22.96
CA LEU A 45 -10.76 -35.97 -23.28
C LEU A 45 -10.60 -34.90 -24.35
N PHE A 46 -9.42 -34.29 -24.38
CA PHE A 46 -9.12 -33.33 -25.43
C PHE A 46 -9.12 -34.06 -26.78
N ILE A 47 -8.51 -35.25 -26.78
CA ILE A 47 -8.40 -36.01 -28.03
C ILE A 47 -9.78 -36.56 -28.42
N LYS A 48 -10.52 -37.08 -27.44
CA LYS A 48 -11.85 -37.61 -27.77
C LYS A 48 -12.73 -36.57 -28.41
N ALA A 49 -12.76 -35.32 -27.92
CA ALA A 49 -13.58 -34.27 -28.48
C ALA A 49 -13.11 -33.84 -29.87
N ALA A 50 -11.79 -33.81 -30.06
CA ALA A 50 -11.24 -33.41 -31.34
C ALA A 50 -11.69 -34.33 -32.47
N ILE A 51 -11.69 -35.62 -32.18
CA ILE A 51 -12.13 -36.62 -33.13
C ILE A 51 -13.63 -36.54 -33.38
N GLU A 52 -14.38 -36.57 -32.28
CA GLU A 52 -15.84 -36.50 -32.38
C GLU A 52 -16.30 -35.32 -33.21
N THR A 53 -15.57 -34.21 -33.06
CA THR A 53 -16.07 -32.99 -33.69
C THR A 53 -15.19 -32.53 -34.86
N LYS A 54 -14.22 -33.36 -35.22
CA LYS A 54 -13.32 -33.03 -36.33
C LYS A 54 -12.76 -31.62 -36.17
N ALA A 55 -12.24 -31.38 -34.97
CA ALA A 55 -11.76 -30.07 -34.59
C ALA A 55 -10.54 -29.70 -35.43
N ASP A 56 -10.41 -28.43 -35.72
CA ASP A 56 -9.31 -27.82 -36.44
C ASP A 56 -8.14 -27.47 -35.52
N ALA A 57 -8.45 -27.30 -34.24
CA ALA A 57 -7.43 -26.95 -33.26
C ALA A 57 -7.88 -27.38 -31.86
N ILE A 58 -6.87 -27.53 -31.03
CA ILE A 58 -6.99 -27.87 -29.62
C ILE A 58 -6.31 -26.77 -28.82
N LEU A 59 -7.09 -26.06 -28.00
CA LEU A 59 -6.52 -25.01 -27.16
C LEU A 59 -6.46 -25.54 -25.72
N VAL A 60 -5.23 -25.78 -25.29
CA VAL A 60 -4.94 -26.21 -23.93
C VAL A 60 -4.58 -25.00 -23.05
N SER A 61 -5.44 -24.75 -22.08
CA SER A 61 -5.15 -23.76 -21.04
C SER A 61 -4.64 -24.48 -19.79
N SER A 62 -3.60 -23.91 -19.20
CA SER A 62 -2.98 -24.43 -17.99
C SER A 62 -2.55 -23.25 -17.11
N LEU A 63 -3.24 -23.08 -15.99
CA LEU A 63 -2.97 -21.95 -15.12
C LEU A 63 -2.32 -22.28 -13.79
N TYR A 64 -2.53 -23.47 -13.27
CA TYR A 64 -2.21 -23.75 -11.87
C TYR A 64 -0.73 -24.05 -11.64
N GLY A 65 0.08 -24.16 -12.68
CA GLY A 65 1.50 -24.31 -12.57
C GLY A 65 2.05 -25.64 -13.06
N GLN A 66 1.26 -26.71 -13.02
CA GLN A 66 1.77 -28.05 -13.31
C GLN A 66 1.65 -28.43 -14.78
N GLY A 67 1.56 -27.45 -15.66
CA GLY A 67 1.43 -27.66 -17.10
C GLY A 67 2.65 -28.32 -17.70
N GLU A 68 3.83 -28.01 -17.16
CA GLU A 68 5.03 -28.66 -17.65
C GLU A 68 4.91 -30.16 -17.51
N ILE A 69 4.26 -30.67 -16.47
CA ILE A 69 4.03 -32.12 -16.34
C ILE A 69 2.86 -32.58 -17.19
N ASP A 70 1.72 -31.90 -17.02
CA ASP A 70 0.48 -32.30 -17.65
C ASP A 70 0.52 -32.26 -19.18
N CYS A 71 1.28 -31.35 -19.78
CA CYS A 71 1.22 -31.12 -21.22
C CYS A 71 2.07 -32.06 -22.05
N LYS A 72 3.06 -32.67 -21.41
CA LYS A 72 3.95 -33.55 -22.16
C LYS A 72 3.21 -34.77 -22.69
N GLY A 73 3.51 -35.13 -23.93
CA GLY A 73 3.01 -36.31 -24.61
C GLY A 73 1.73 -36.15 -25.40
N LEU A 74 1.17 -34.95 -25.43
CA LEU A 74 -0.10 -34.73 -26.09
C LEU A 74 -0.01 -34.90 -27.60
N ARG A 75 1.03 -34.32 -28.20
CA ARG A 75 1.20 -34.43 -29.65
C ARG A 75 1.29 -35.90 -30.06
N GLN A 76 2.09 -36.64 -29.29
CA GLN A 76 2.26 -38.08 -29.49
C GLN A 76 0.89 -38.75 -29.57
N LYS A 77 0.11 -38.56 -28.52
CA LYS A 77 -1.22 -39.17 -28.49
C LYS A 77 -2.09 -38.69 -29.64
N CYS A 78 -2.01 -37.41 -30.01
CA CYS A 78 -2.90 -36.99 -31.09
C CYS A 78 -2.54 -37.72 -32.37
N ASP A 79 -1.23 -37.80 -32.58
CA ASP A 79 -0.75 -38.49 -33.77
C ASP A 79 -1.31 -39.92 -33.82
N GLU A 80 -1.13 -40.63 -32.70
CA GLU A 80 -1.57 -42.02 -32.64
C GLU A 80 -3.08 -42.14 -32.82
N ALA A 81 -3.80 -41.10 -32.42
CA ALA A 81 -5.25 -41.12 -32.65
C ALA A 81 -5.60 -40.73 -34.07
N GLY A 82 -4.62 -40.56 -34.95
CA GLY A 82 -4.92 -40.14 -36.30
C GLY A 82 -5.15 -38.66 -36.48
N LEU A 83 -4.77 -37.82 -35.50
CA LEU A 83 -4.98 -36.39 -35.65
C LEU A 83 -3.69 -35.67 -36.07
N GLU A 84 -2.89 -36.38 -36.85
CA GLU A 84 -1.64 -35.85 -37.35
C GLU A 84 -1.87 -34.47 -37.97
N GLY A 85 -1.00 -33.55 -37.57
CA GLY A 85 -0.98 -32.20 -38.05
C GLY A 85 -1.88 -31.22 -37.35
N ILE A 86 -2.74 -31.67 -36.44
CA ILE A 86 -3.67 -30.72 -35.81
C ILE A 86 -2.90 -29.63 -35.08
N LEU A 87 -3.49 -28.43 -35.04
CA LEU A 87 -2.92 -27.29 -34.34
C LEU A 87 -3.05 -27.46 -32.84
N LEU A 88 -1.92 -27.31 -32.16
CA LEU A 88 -1.85 -27.41 -30.71
C LEU A 88 -1.37 -26.08 -30.10
N TYR A 89 -2.24 -25.43 -29.33
CA TYR A 89 -1.92 -24.21 -28.63
C TYR A 89 -1.89 -24.46 -27.12
N VAL A 90 -0.99 -23.79 -26.42
CA VAL A 90 -0.97 -23.87 -24.95
C VAL A 90 -0.73 -22.49 -24.35
N GLY A 91 -1.52 -22.16 -23.32
CA GLY A 91 -1.40 -20.86 -22.69
C GLY A 91 -1.92 -20.82 -21.27
N GLY A 92 -1.84 -19.65 -20.66
CA GLY A 92 -2.17 -19.37 -19.27
C GLY A 92 -0.96 -18.96 -18.45
N ASN A 93 -0.65 -19.77 -17.44
CA ASN A 93 0.49 -19.72 -16.55
C ASN A 93 1.04 -21.15 -16.48
N ILE A 94 1.76 -21.50 -17.53
CA ILE A 94 2.03 -22.89 -17.87
C ILE A 94 3.20 -23.53 -17.15
N VAL A 95 4.03 -22.74 -16.49
CA VAL A 95 5.09 -23.27 -15.65
C VAL A 95 4.97 -22.72 -14.23
N VAL A 96 5.71 -23.37 -13.33
CA VAL A 96 5.76 -22.93 -11.94
C VAL A 96 6.72 -21.75 -11.82
N GLY A 97 6.16 -20.60 -11.49
CA GLY A 97 6.87 -19.38 -11.18
C GLY A 97 7.21 -18.53 -12.38
N LYS A 98 7.64 -17.31 -12.09
CA LYS A 98 8.27 -16.39 -13.03
C LYS A 98 9.53 -17.03 -13.60
N GLN A 99 9.65 -17.13 -14.91
CA GLN A 99 10.78 -17.74 -15.58
C GLN A 99 11.16 -16.95 -16.84
N HIS A 100 12.32 -17.22 -17.42
CA HIS A 100 12.75 -16.57 -18.67
C HIS A 100 11.93 -17.05 -19.85
N TRP A 101 11.13 -16.16 -20.45
CA TRP A 101 10.13 -16.62 -21.40
C TRP A 101 10.72 -17.41 -22.57
N PRO A 102 11.76 -16.94 -23.25
CA PRO A 102 12.29 -17.74 -24.37
C PRO A 102 12.60 -19.17 -23.97
N ASP A 103 13.08 -19.41 -22.76
CA ASP A 103 13.34 -20.79 -22.34
C ASP A 103 12.05 -21.58 -22.26
N VAL A 104 10.97 -20.93 -21.82
CA VAL A 104 9.71 -21.64 -21.61
C VAL A 104 9.05 -21.99 -22.94
N GLU A 105 9.03 -21.03 -23.85
CA GLU A 105 8.44 -21.21 -25.16
C GLU A 105 9.09 -22.35 -25.93
N LYS A 106 10.41 -22.47 -25.84
CA LYS A 106 11.14 -23.50 -26.58
C LYS A 106 10.84 -24.88 -26.00
N ARG A 107 10.80 -24.94 -24.68
CA ARG A 107 10.45 -26.16 -23.96
C ARG A 107 9.12 -26.73 -24.45
N PHE A 108 8.10 -25.87 -24.52
CA PHE A 108 6.78 -26.36 -24.90
C PHE A 108 6.69 -26.63 -26.40
N LYS A 109 7.37 -25.83 -27.20
CA LYS A 109 7.46 -26.12 -28.63
C LYS A 109 8.20 -27.44 -28.84
N ASP A 110 9.27 -27.68 -28.09
CA ASP A 110 9.95 -28.98 -28.14
C ASP A 110 9.04 -30.11 -27.72
N MET A 111 8.01 -29.83 -26.95
CA MET A 111 7.03 -30.84 -26.60
C MET A 111 6.06 -31.12 -27.74
N GLY A 112 6.08 -30.31 -28.80
CA GLY A 112 5.13 -30.49 -29.87
C GLY A 112 4.00 -29.47 -29.92
N TYR A 113 4.05 -28.39 -29.15
CA TYR A 113 3.00 -27.39 -29.23
C TYR A 113 3.31 -26.43 -30.37
N ASP A 114 2.30 -26.07 -31.14
CA ASP A 114 2.45 -25.15 -32.26
C ASP A 114 2.67 -23.72 -31.78
N ARG A 115 1.80 -23.26 -30.86
CA ARG A 115 1.98 -21.93 -30.26
C ARG A 115 1.90 -22.01 -28.74
N VAL A 116 2.67 -21.15 -28.08
CA VAL A 116 2.89 -21.15 -26.64
C VAL A 116 2.73 -19.75 -26.06
N TYR A 117 1.78 -19.56 -25.16
CA TYR A 117 1.48 -18.21 -24.67
C TYR A 117 1.84 -17.96 -23.21
N ALA A 118 2.42 -16.80 -22.94
CA ALA A 118 2.80 -16.28 -21.64
C ALA A 118 1.61 -15.83 -20.79
N PRO A 119 1.80 -15.63 -19.50
CA PRO A 119 0.78 -15.06 -18.63
C PRO A 119 0.19 -13.76 -19.16
N GLY A 120 -1.12 -13.65 -19.00
CA GLY A 120 -1.85 -12.45 -19.35
C GLY A 120 -2.11 -12.25 -20.82
N THR A 121 -2.05 -13.30 -21.63
CA THR A 121 -2.33 -13.17 -23.06
C THR A 121 -3.80 -12.83 -23.30
N PRO A 122 -4.08 -11.76 -24.03
CA PRO A 122 -5.45 -11.49 -24.48
C PRO A 122 -5.95 -12.56 -25.44
N PRO A 123 -7.20 -12.96 -25.27
CA PRO A 123 -7.83 -13.90 -26.20
C PRO A 123 -7.65 -13.46 -27.64
N GLU A 124 -7.72 -12.16 -27.84
CA GLU A 124 -7.65 -11.49 -29.13
C GLU A 124 -6.39 -11.89 -29.88
N VAL A 125 -5.29 -12.09 -29.16
CA VAL A 125 -4.04 -12.49 -29.79
C VAL A 125 -4.11 -13.90 -30.35
N GLY A 126 -4.71 -14.80 -29.57
CA GLY A 126 -4.82 -16.19 -29.99
C GLY A 126 -5.81 -16.33 -31.13
N ILE A 127 -6.87 -15.52 -31.07
CA ILE A 127 -7.85 -15.49 -32.13
C ILE A 127 -7.19 -15.13 -33.46
N ALA A 128 -6.37 -14.09 -33.42
CA ALA A 128 -5.63 -13.60 -34.57
C ALA A 128 -4.63 -14.64 -35.08
N ASP A 129 -3.99 -15.31 -34.14
CA ASP A 129 -3.00 -16.31 -34.52
C ASP A 129 -3.65 -17.49 -35.23
N LEU A 130 -4.81 -17.84 -34.71
CA LEU A 130 -5.57 -18.98 -35.21
C LEU A 130 -6.17 -18.72 -36.57
N LYS A 131 -6.64 -17.49 -36.84
CA LYS A 131 -7.13 -17.25 -38.19
C LYS A 131 -5.98 -17.32 -39.18
N LYS A 132 -4.84 -16.78 -38.74
CA LYS A 132 -3.66 -16.82 -39.61
C LYS A 132 -3.22 -18.25 -39.87
N ASP A 133 -3.09 -19.06 -38.82
CA ASP A 133 -2.66 -20.45 -38.97
C ASP A 133 -3.69 -21.25 -39.77
N LEU A 134 -4.96 -20.85 -39.71
CA LEU A 134 -6.00 -21.57 -40.45
C LEU A 134 -6.29 -20.86 -41.76
N ASN A 135 -5.51 -19.82 -42.08
CA ASN A 135 -5.57 -19.24 -43.43
C ASN A 135 -6.96 -18.68 -43.71
N ILE A 136 -7.56 -18.10 -42.68
CA ILE A 136 -8.91 -17.54 -42.80
C ILE A 136 -8.92 -16.12 -42.27
N GLU A 137 -7.72 -15.57 -42.11
CA GLU A 137 -7.68 -14.21 -41.53
C GLU A 137 -7.84 -13.21 -42.66
N MET B 1 -22.25 -44.00 4.18
CA MET B 1 -22.91 -43.40 5.34
C MET B 1 -24.02 -42.47 4.88
N GLU B 2 -25.03 -42.35 5.72
CA GLU B 2 -26.13 -41.42 5.45
C GLU B 2 -25.73 -40.04 5.94
N LEU B 3 -26.14 -38.97 5.26
CA LEU B 3 -25.80 -37.64 5.74
C LEU B 3 -26.88 -37.10 6.67
N LYS B 4 -26.44 -36.70 7.85
CA LYS B 4 -27.24 -35.97 8.82
C LYS B 4 -26.32 -35.10 9.66
N ASN B 5 -26.85 -33.96 10.09
CA ASN B 5 -26.01 -33.07 10.88
C ASN B 5 -26.01 -33.51 12.34
N LYS B 6 -25.30 -34.61 12.61
CA LYS B 6 -25.17 -35.09 13.98
C LYS B 6 -23.78 -35.66 14.20
N LYS B 7 -23.26 -35.37 15.38
CA LYS B 7 -21.92 -35.83 15.73
C LYS B 7 -21.78 -37.34 15.52
N TRP B 8 -20.69 -37.72 14.85
CA TRP B 8 -20.41 -39.14 14.68
C TRP B 8 -20.07 -39.79 16.01
N THR B 9 -20.58 -41.01 16.20
CA THR B 9 -20.23 -41.71 17.44
C THR B 9 -18.80 -42.19 17.30
N ASP B 10 -18.18 -42.54 18.42
CA ASP B 10 -16.80 -42.96 18.45
C ASP B 10 -16.57 -44.23 17.63
N GLU B 11 -17.53 -45.12 17.61
CA GLU B 11 -17.42 -46.38 16.88
C GLU B 11 -17.38 -46.17 15.37
N GLU B 12 -18.28 -45.39 14.83
CA GLU B 12 -18.42 -44.94 13.46
C GLU B 12 -17.15 -44.24 13.01
N PHE B 13 -16.69 -43.33 13.86
CA PHE B 13 -15.51 -42.56 13.47
C PHE B 13 -14.33 -43.52 13.32
N HIS B 14 -14.16 -44.39 14.31
CA HIS B 14 -13.08 -45.38 14.28
C HIS B 14 -13.15 -46.28 13.06
N LYS B 15 -14.33 -46.78 12.74
CA LYS B 15 -14.46 -47.62 11.54
C LYS B 15 -14.05 -46.85 10.30
N GLN B 16 -14.41 -45.57 10.21
CA GLN B 16 -13.92 -44.83 9.04
C GLN B 16 -12.41 -44.65 9.05
N ARG B 17 -11.84 -44.33 10.21
CA ARG B 17 -10.40 -44.08 10.29
C ARG B 17 -9.62 -45.26 9.73
N GLU B 18 -10.04 -46.47 10.11
CA GLU B 18 -9.29 -47.65 9.69
C GLU B 18 -9.32 -47.83 8.19
N GLU B 19 -10.40 -47.37 7.57
CA GLU B 19 -10.45 -47.37 6.10
C GLU B 19 -9.51 -46.34 5.48
N VAL B 20 -9.67 -45.12 5.99
CA VAL B 20 -8.94 -43.97 5.46
C VAL B 20 -7.44 -44.18 5.55
N LEU B 21 -6.96 -44.75 6.67
CA LEU B 21 -5.52 -44.86 6.81
C LEU B 21 -4.93 -45.84 5.81
N GLN B 22 -5.77 -46.67 5.18
CA GLN B 22 -5.19 -47.59 4.18
C GLN B 22 -5.02 -46.94 2.81
N GLN B 23 -5.41 -45.69 2.63
CA GLN B 23 -5.41 -45.12 1.28
C GLN B 23 -4.04 -44.79 0.70
N TRP B 24 -2.98 -44.80 1.49
CA TRP B 24 -1.59 -44.64 1.07
C TRP B 24 -0.71 -45.21 2.17
N PRO B 25 0.43 -45.82 1.87
CA PRO B 25 1.25 -46.44 2.92
C PRO B 25 1.66 -45.52 4.05
N THR B 26 1.72 -44.22 3.82
CA THR B 26 2.10 -43.35 4.94
C THR B 26 1.01 -43.30 6.01
N GLY B 27 -0.16 -43.87 5.76
CA GLY B 27 -1.19 -43.89 6.81
C GLY B 27 -0.78 -44.76 7.99
N LYS B 28 0.17 -45.65 7.77
CA LYS B 28 0.74 -46.51 8.79
C LYS B 28 1.55 -45.74 9.82
N GLU B 29 1.94 -44.53 9.48
CA GLU B 29 2.68 -43.67 10.39
C GLU B 29 1.76 -42.98 11.40
N VAL B 30 0.43 -43.04 11.18
CA VAL B 30 -0.46 -42.33 12.10
C VAL B 30 -0.84 -43.23 13.30
N ASP B 31 -0.47 -42.77 14.48
CA ASP B 31 -0.76 -43.36 15.78
C ASP B 31 -1.40 -42.32 16.69
N LEU B 32 -2.70 -42.41 16.86
CA LEU B 32 -3.47 -41.42 17.58
C LEU B 32 -3.00 -41.22 19.02
N GLN B 33 -2.69 -42.31 19.71
CA GLN B 33 -2.17 -42.22 21.07
C GLN B 33 -0.86 -41.44 21.03
N GLU B 34 -0.01 -41.83 20.08
CA GLU B 34 1.31 -41.23 20.02
C GLU B 34 1.20 -39.76 19.61
N ALA B 35 0.28 -39.51 18.68
CA ALA B 35 0.08 -38.17 18.13
C ALA B 35 -0.40 -37.18 19.18
N VAL B 36 -1.31 -37.60 20.06
CA VAL B 36 -1.74 -36.72 21.14
C VAL B 36 -0.57 -36.29 22.02
N ASP B 37 0.34 -37.21 22.36
CA ASP B 37 1.46 -36.85 23.24
C ASP B 37 2.39 -35.86 22.52
N TYR B 38 2.69 -36.11 21.26
CA TYR B 38 3.46 -35.22 20.40
C TYR B 38 2.84 -33.83 20.37
N LEU B 39 1.57 -33.77 19.98
CA LEU B 39 0.85 -32.49 19.89
C LEU B 39 0.89 -31.74 21.21
N LYS B 40 0.67 -32.42 22.33
CA LYS B 40 0.66 -31.73 23.61
C LYS B 40 2.02 -31.19 24.01
N LYS B 41 3.08 -31.70 23.39
CA LYS B 41 4.40 -31.21 23.75
C LYS B 41 4.81 -30.02 22.91
N ILE B 42 3.99 -29.65 21.91
CA ILE B 42 4.27 -28.44 21.14
C ILE B 42 4.08 -27.18 21.97
N PRO B 43 5.02 -26.24 21.95
CA PRO B 43 4.81 -25.02 22.71
C PRO B 43 3.64 -24.18 22.22
N ALA B 44 3.06 -23.42 23.15
CA ALA B 44 1.94 -22.57 22.78
C ALA B 44 2.27 -21.64 21.62
N GLU B 45 3.51 -21.16 21.55
CA GLU B 45 3.91 -20.27 20.48
C GLU B 45 3.76 -20.91 19.10
N LYS B 46 3.72 -22.24 19.08
CA LYS B 46 3.64 -22.96 17.81
C LYS B 46 2.30 -23.66 17.65
N ASN B 47 1.37 -23.26 18.53
CA ASN B 47 0.02 -23.82 18.39
C ASN B 47 -0.91 -22.76 17.78
N PHE B 48 -1.48 -23.08 16.61
CA PHE B 48 -2.27 -22.14 15.84
C PHE B 48 -3.48 -21.69 16.63
N ALA B 49 -4.15 -22.61 17.30
CA ALA B 49 -5.36 -22.21 18.02
C ALA B 49 -5.07 -21.24 19.15
N GLU B 50 -4.00 -21.50 19.88
CA GLU B 50 -3.65 -20.67 21.03
C GLU B 50 -3.12 -19.31 20.60
N LYS B 51 -2.31 -19.24 19.54
CA LYS B 51 -1.86 -17.94 19.06
C LYS B 51 -3.02 -17.08 18.57
N LEU B 52 -4.07 -17.68 18.02
CA LEU B 52 -5.22 -16.92 17.55
C LEU B 52 -5.96 -16.26 18.71
N VAL B 53 -6.00 -16.98 19.83
CA VAL B 53 -6.62 -16.46 21.05
C VAL B 53 -5.88 -15.23 21.54
N LEU B 54 -4.55 -15.31 21.45
CA LEU B 54 -3.69 -14.20 21.85
C LEU B 54 -3.89 -12.97 20.98
N ALA B 55 -3.91 -13.21 19.67
CA ALA B 55 -4.16 -12.14 18.71
C ALA B 55 -5.44 -11.38 19.06
N LYS B 56 -6.48 -12.17 19.30
CA LYS B 56 -7.80 -11.68 19.65
C LYS B 56 -7.68 -10.84 20.92
N LYS B 57 -7.00 -11.41 21.91
CA LYS B 57 -6.77 -10.77 23.18
C LYS B 57 -6.05 -9.44 23.04
N LYS B 58 -5.06 -9.36 22.15
CA LYS B 58 -4.29 -8.12 22.01
C LYS B 58 -4.81 -7.17 20.96
N GLY B 59 -5.90 -7.50 20.29
CA GLY B 59 -6.48 -6.66 19.27
C GLY B 59 -5.59 -6.45 18.07
N ILE B 60 -4.81 -7.48 17.74
CA ILE B 60 -3.93 -7.35 16.58
C ILE B 60 -4.32 -8.25 15.42
N THR B 61 -3.95 -7.79 14.22
CA THR B 61 -4.12 -8.55 13.00
C THR B 61 -2.83 -9.29 12.67
N MET B 62 -2.86 -10.60 12.55
CA MET B 62 -1.66 -11.35 12.19
C MET B 62 -1.57 -11.69 10.73
N ALA B 63 -0.37 -11.68 10.15
CA ALA B 63 -0.17 -11.94 8.73
C ALA B 63 0.37 -13.35 8.41
N GLN B 64 -0.17 -13.92 7.32
CA GLN B 64 0.13 -15.27 6.87
C GLN B 64 0.20 -15.34 5.35
N PRO B 65 1.30 -15.86 4.79
CA PRO B 65 1.38 -16.07 3.34
C PRO B 65 0.83 -17.42 2.89
N ARG B 66 0.91 -17.66 1.59
CA ARG B 66 0.69 -18.90 0.87
C ARG B 66 2.05 -19.40 0.41
N ALA B 67 2.33 -20.70 0.51
CA ALA B 67 3.65 -21.14 0.08
C ALA B 67 3.81 -22.65 0.16
N GLY B 68 4.53 -23.22 -0.81
CA GLY B 68 4.81 -24.64 -0.83
C GLY B 68 5.51 -25.12 -2.10
N VAL B 69 6.40 -26.08 -1.95
CA VAL B 69 7.18 -26.68 -3.03
C VAL B 69 7.25 -28.20 -2.87
N ALA B 70 7.70 -28.90 -3.91
CA ALA B 70 7.59 -30.35 -3.87
C ALA B 70 8.47 -31.04 -2.85
N LEU B 71 9.69 -30.55 -2.65
CA LEU B 71 10.68 -31.24 -1.84
C LEU B 71 10.81 -30.70 -0.44
N LEU B 72 11.07 -31.64 0.48
CA LEU B 72 11.03 -31.32 1.90
C LEU B 72 12.07 -30.27 2.28
N ASP B 73 13.35 -30.46 2.00
CA ASP B 73 14.37 -29.52 2.47
C ASP B 73 14.17 -28.13 1.91
N GLU B 74 13.84 -28.06 0.63
CA GLU B 74 13.54 -26.83 -0.07
C GLU B 74 12.33 -26.15 0.56
N HIS B 75 11.33 -26.98 0.86
CA HIS B 75 10.11 -26.42 1.45
C HIS B 75 10.42 -25.79 2.80
N ILE B 76 11.27 -26.49 3.55
CA ILE B 76 11.64 -25.97 4.87
C ILE B 76 12.48 -24.70 4.76
N GLU B 77 13.41 -24.61 3.83
CA GLU B 77 14.21 -23.42 3.60
C GLU B 77 13.32 -22.24 3.25
N LEU B 78 12.30 -22.47 2.43
CA LEU B 78 11.35 -21.42 2.08
C LEU B 78 10.56 -20.88 3.26
N LEU B 79 9.97 -21.75 4.07
CA LEU B 79 9.21 -21.32 5.25
C LEU B 79 10.06 -20.56 6.25
N ARG B 80 11.31 -20.99 6.41
CA ARG B 80 12.20 -20.30 7.34
C ARG B 80 12.46 -18.87 6.87
N TYR B 81 12.56 -18.68 5.56
CA TYR B 81 12.80 -17.36 4.98
C TYR B 81 11.63 -16.40 5.19
N LEU B 82 10.42 -16.93 4.97
CA LEU B 82 9.18 -16.21 5.21
C LEU B 82 9.01 -15.78 6.67
N GLN B 83 9.42 -16.68 7.56
CA GLN B 83 9.42 -16.44 8.99
C GLN B 83 10.46 -15.41 9.38
N ASP B 84 11.69 -15.62 8.91
CA ASP B 84 12.77 -14.78 9.42
C ASP B 84 12.94 -13.50 8.62
N GLU B 85 12.99 -13.60 7.30
CA GLU B 85 13.16 -12.40 6.50
C GLU B 85 11.82 -11.71 6.24
N GLY B 86 10.74 -12.50 6.13
CA GLY B 86 9.43 -11.91 5.88
C GLY B 86 8.74 -11.38 7.11
N GLY B 87 8.99 -11.96 8.28
CA GLY B 87 8.35 -11.61 9.51
C GLY B 87 6.94 -12.17 9.67
N ALA B 88 6.65 -13.26 8.98
CA ALA B 88 5.30 -13.83 9.09
C ALA B 88 4.90 -14.13 10.53
N ASP B 89 3.60 -14.12 10.79
CA ASP B 89 3.08 -14.44 12.10
C ASP B 89 2.60 -15.88 12.19
N PHE B 90 2.19 -16.41 11.06
CA PHE B 90 1.72 -17.78 10.92
C PHE B 90 2.28 -18.41 9.66
N LEU B 91 2.52 -19.71 9.65
CA LEU B 91 3.03 -20.29 8.42
C LEU B 91 2.02 -21.21 7.76
N PRO B 92 1.96 -21.19 6.44
CA PRO B 92 1.17 -22.21 5.75
C PRO B 92 2.01 -23.39 5.33
N SER B 93 1.33 -24.39 4.82
CA SER B 93 1.89 -25.31 3.84
C SER B 93 0.81 -25.54 2.79
N THR B 94 0.99 -24.89 1.66
CA THR B 94 0.07 -24.99 0.54
C THR B 94 0.32 -26.34 -0.14
N ILE B 95 -0.71 -27.15 -0.19
CA ILE B 95 -0.63 -28.53 -0.69
C ILE B 95 -0.79 -28.53 -2.20
N ASP B 96 -0.03 -29.35 -2.92
CA ASP B 96 -0.16 -29.37 -4.37
C ASP B 96 -1.51 -29.89 -4.84
N ALA B 97 -1.81 -29.65 -6.11
CA ALA B 97 -3.12 -30.00 -6.66
C ALA B 97 -3.30 -31.47 -7.00
N TYR B 98 -2.25 -32.25 -7.18
CA TYR B 98 -2.47 -33.68 -7.37
C TYR B 98 -2.99 -34.30 -6.07
N THR B 99 -2.38 -33.88 -4.96
CA THR B 99 -2.78 -34.32 -3.63
C THR B 99 -4.28 -34.10 -3.42
N ARG B 100 -4.72 -32.93 -3.87
CA ARG B 100 -6.11 -32.50 -3.68
C ARG B 100 -7.09 -33.39 -4.42
N GLN B 101 -6.59 -34.16 -5.40
CA GLN B 101 -7.48 -35.12 -6.06
C GLN B 101 -7.09 -36.54 -5.63
N ASN B 102 -6.27 -36.61 -4.60
CA ASN B 102 -5.84 -37.89 -4.06
C ASN B 102 -5.04 -38.69 -5.08
N ARG B 103 -4.29 -38.02 -5.95
CA ARG B 103 -3.44 -38.71 -6.92
C ARG B 103 -1.99 -38.76 -6.42
N TYR B 104 -1.76 -39.58 -5.39
CA TYR B 104 -0.43 -39.65 -4.76
C TYR B 104 0.62 -40.24 -5.70
N ASP B 105 0.14 -40.98 -6.70
CA ASP B 105 0.99 -41.48 -7.76
C ASP B 105 1.63 -40.33 -8.54
N GLU B 106 0.79 -39.36 -8.94
CA GLU B 106 1.25 -38.17 -9.64
C GLU B 106 2.16 -37.33 -8.76
N CYS B 107 1.84 -37.27 -7.47
CA CYS B 107 2.69 -36.58 -6.50
C CYS B 107 4.11 -37.18 -6.50
N GLU B 108 4.18 -38.52 -6.47
CA GLU B 108 5.46 -39.21 -6.44
C GLU B 108 6.30 -38.93 -7.68
N ASN B 109 5.70 -39.07 -8.87
CA ASN B 109 6.43 -38.67 -10.07
C ASN B 109 6.83 -37.20 -10.02
N GLY B 110 5.97 -36.36 -9.45
CA GLY B 110 6.26 -34.93 -9.37
C GLY B 110 7.47 -34.64 -8.50
N ILE B 111 7.61 -35.37 -7.40
CA ILE B 111 8.74 -35.23 -6.50
C ILE B 111 10.04 -35.64 -7.19
N LYS B 112 10.01 -36.80 -7.86
CA LYS B 112 11.17 -37.30 -8.59
C LYS B 112 11.63 -36.32 -9.66
N GLU B 113 10.66 -35.82 -10.42
CA GLU B 113 10.93 -34.86 -11.49
C GLU B 113 11.47 -33.56 -10.92
N SER B 114 10.96 -33.12 -9.78
CA SER B 114 11.44 -31.87 -9.19
C SER B 114 12.90 -32.03 -8.76
N GLU B 115 13.20 -33.19 -8.22
CA GLU B 115 14.56 -33.54 -7.78
C GLU B 115 15.53 -33.45 -8.96
N LYS B 116 15.13 -34.08 -10.05
CA LYS B 116 15.94 -34.12 -11.26
C LYS B 116 16.06 -32.73 -11.86
N ALA B 117 14.99 -31.94 -11.84
CA ALA B 117 15.03 -30.63 -12.49
C ALA B 117 15.69 -29.56 -11.63
N GLY B 118 15.87 -29.80 -10.33
CA GLY B 118 16.42 -28.79 -9.44
C GLY B 118 15.46 -27.64 -9.18
N ARG B 119 14.17 -27.87 -9.44
CA ARG B 119 13.17 -26.86 -9.14
C ARG B 119 11.81 -27.55 -8.99
N SER B 120 10.86 -26.91 -8.33
CA SER B 120 9.56 -27.55 -8.07
C SER B 120 8.67 -27.56 -9.32
N LEU B 121 8.26 -28.76 -9.73
CA LEU B 121 7.34 -28.94 -10.84
C LEU B 121 5.92 -29.10 -10.29
N LEU B 122 5.84 -29.22 -8.97
CA LEU B 122 4.56 -29.21 -8.26
C LEU B 122 4.18 -27.81 -7.75
N ASN B 123 2.88 -27.52 -7.67
CA ASN B 123 2.44 -26.19 -7.23
C ASN B 123 2.13 -26.14 -5.74
N GLY B 124 2.67 -27.10 -4.99
CA GLY B 124 2.58 -27.16 -3.56
C GLY B 124 3.36 -28.33 -2.98
N PHE B 125 3.10 -28.60 -1.71
CA PHE B 125 3.80 -29.59 -0.91
C PHE B 125 2.94 -30.85 -0.79
N PRO B 126 3.45 -31.97 -1.28
CA PRO B 126 2.73 -33.25 -1.18
C PRO B 126 2.83 -33.90 0.19
N GLY B 127 2.00 -33.38 1.09
CA GLY B 127 1.94 -33.79 2.47
C GLY B 127 1.64 -35.24 2.69
N VAL B 128 0.74 -35.83 1.90
CA VAL B 128 0.45 -37.26 2.08
C VAL B 128 1.66 -38.09 1.70
N ASN B 129 2.31 -37.77 0.59
CA ASN B 129 3.49 -38.56 0.22
C ASN B 129 4.60 -38.38 1.23
N PHE B 130 4.75 -37.19 1.82
CA PHE B 130 5.83 -36.99 2.78
C PHE B 130 5.55 -37.58 4.15
N GLY B 131 4.29 -37.90 4.42
CA GLY B 131 3.93 -38.57 5.64
C GLY B 131 4.05 -37.76 6.90
N VAL B 132 3.80 -38.46 8.00
CA VAL B 132 3.88 -37.82 9.32
C VAL B 132 5.31 -37.40 9.60
N LYS B 133 6.25 -38.23 9.17
CA LYS B 133 7.66 -37.94 9.41
C LYS B 133 8.11 -36.65 8.73
N GLY B 134 7.70 -36.45 7.48
CA GLY B 134 8.14 -35.22 6.82
C GLY B 134 7.43 -34.01 7.40
N CYS B 135 6.12 -34.16 7.66
CA CYS B 135 5.38 -33.01 8.19
C CYS B 135 5.97 -32.60 9.53
N ARG B 136 6.40 -33.58 10.32
CA ARG B 136 7.05 -33.24 11.59
C ARG B 136 8.37 -32.54 11.36
N LYS B 137 9.12 -32.95 10.33
CA LYS B 137 10.37 -32.25 10.04
C LYS B 137 10.12 -30.78 9.78
N VAL B 138 9.03 -30.53 9.08
CA VAL B 138 8.70 -29.13 8.79
C VAL B 138 8.46 -28.37 10.08
N LEU B 139 7.57 -28.95 10.89
CA LEU B 139 7.21 -28.22 12.09
C LEU B 139 8.39 -27.98 13.02
N GLU B 140 9.25 -28.98 13.18
CA GLU B 140 10.38 -28.87 14.11
C GLU B 140 11.41 -27.85 13.63
N ALA B 141 11.39 -27.55 12.34
CA ALA B 141 12.36 -26.62 11.76
C ALA B 141 11.91 -25.16 11.79
N VAL B 142 10.69 -24.90 12.22
CA VAL B 142 10.16 -23.52 12.25
C VAL B 142 9.80 -23.11 13.66
N ASN B 143 9.49 -21.84 13.88
CA ASN B 143 9.18 -21.34 15.22
C ASN B 143 7.79 -20.72 15.27
N LEU B 144 6.94 -21.05 14.32
CA LEU B 144 5.57 -20.52 14.27
C LEU B 144 4.56 -21.64 14.07
N PRO B 145 3.30 -21.41 14.37
CA PRO B 145 2.26 -22.43 14.14
C PRO B 145 2.10 -22.73 12.65
N LEU B 146 1.72 -23.96 12.33
CA LEU B 146 1.56 -24.43 10.97
C LEU B 146 0.14 -24.92 10.66
N GLN B 147 -0.26 -24.59 9.43
CA GLN B 147 -1.57 -24.84 8.87
C GLN B 147 -1.53 -25.34 7.43
N ALA B 148 -2.25 -26.43 7.16
CA ALA B 148 -2.45 -26.89 5.80
C ALA B 148 -3.47 -25.98 5.10
N ARG B 149 -3.06 -25.41 3.97
CA ARG B 149 -3.94 -24.59 3.13
C ARG B 149 -4.04 -25.28 1.78
N HIS B 150 -5.26 -25.52 1.28
CA HIS B 150 -5.36 -26.35 0.08
C HIS B 150 -6.71 -26.16 -0.61
N GLY B 151 -7.49 -27.21 -0.87
CA GLY B 151 -8.69 -27.15 -1.69
C GLY B 151 -9.04 -28.57 -2.15
N THR B 152 -9.42 -29.40 -1.21
CA THR B 152 -9.52 -30.84 -1.32
C THR B 152 -10.90 -31.36 -0.91
N PRO B 153 -11.69 -31.81 -1.87
CA PRO B 153 -12.97 -32.44 -1.53
C PRO B 153 -12.85 -33.63 -0.57
N ASP B 154 -11.91 -34.54 -0.76
CA ASP B 154 -11.74 -35.66 0.17
C ASP B 154 -10.38 -35.52 0.85
N SER B 155 -10.39 -34.87 2.00
CA SER B 155 -9.18 -34.50 2.73
C SER B 155 -8.94 -35.36 3.96
N ARG B 156 -9.63 -36.50 4.08
CA ARG B 156 -9.55 -37.27 5.32
C ARG B 156 -8.15 -37.75 5.64
N LEU B 157 -7.44 -38.39 4.73
CA LEU B 157 -6.09 -38.88 5.01
C LEU B 157 -5.12 -37.73 5.20
N LEU B 158 -5.20 -36.72 4.35
CA LEU B 158 -4.32 -35.56 4.53
C LEU B 158 -4.41 -34.96 5.92
N ALA B 159 -5.65 -34.88 6.40
CA ALA B 159 -5.92 -34.35 7.74
C ALA B 159 -5.30 -35.25 8.81
N GLU B 160 -5.46 -36.57 8.67
CA GLU B 160 -4.84 -37.46 9.66
C GLU B 160 -3.34 -37.23 9.73
N ILE B 161 -2.74 -37.16 8.54
CA ILE B 161 -1.28 -37.00 8.53
C ILE B 161 -0.81 -35.64 9.01
N ILE B 162 -1.39 -34.53 8.56
CA ILE B 162 -0.82 -33.25 8.95
C ILE B 162 -1.04 -32.93 10.43
N HIS B 163 -2.13 -33.44 11.01
CA HIS B 163 -2.36 -33.20 12.43
C HIS B 163 -1.45 -34.10 13.28
N ALA B 164 -1.25 -35.35 12.86
CA ALA B 164 -0.29 -36.21 13.57
C ALA B 164 1.14 -35.66 13.42
N GLY B 165 1.31 -34.91 12.34
CA GLY B 165 2.47 -34.15 11.96
C GLY B 165 2.68 -32.89 12.78
N GLY B 166 1.74 -32.52 13.65
CA GLY B 166 1.88 -31.40 14.53
C GLY B 166 1.44 -30.07 13.95
N TRP B 167 0.78 -30.14 12.81
CA TRP B 167 0.17 -28.96 12.20
C TRP B 167 -1.18 -28.75 12.91
N THR B 168 -1.36 -27.59 13.51
CA THR B 168 -2.45 -27.36 14.44
C THR B 168 -3.56 -26.48 13.86
N SER B 169 -3.67 -26.50 12.55
CA SER B 169 -4.80 -25.92 11.83
C SER B 169 -4.94 -26.62 10.47
N ASN B 170 -6.20 -26.82 10.10
CA ASN B 170 -6.59 -27.32 8.80
C ASN B 170 -7.63 -26.40 8.17
N GLU B 171 -7.33 -25.87 6.98
CA GLU B 171 -8.29 -25.03 6.26
C GLU B 171 -9.25 -25.90 5.45
N GLY B 172 -10.46 -25.42 5.19
CA GLY B 172 -11.41 -26.03 4.31
C GLY B 172 -12.78 -26.32 4.87
N GLY B 173 -13.62 -26.92 4.01
CA GLY B 173 -14.97 -27.30 4.38
C GLY B 173 -15.66 -28.03 3.23
N GLY B 174 -16.82 -28.57 3.53
CA GLY B 174 -17.58 -29.43 2.62
C GLY B 174 -18.15 -28.73 1.41
N ILE B 175 -18.32 -27.41 1.55
CA ILE B 175 -18.80 -26.59 0.45
C ILE B 175 -17.62 -25.90 -0.23
N SER B 176 -16.82 -25.23 0.59
CA SER B 176 -15.75 -24.34 0.13
C SER B 176 -14.59 -25.11 -0.48
N TYR B 177 -14.35 -26.36 -0.10
CA TYR B 177 -13.30 -27.14 -0.76
C TYR B 177 -13.88 -28.17 -1.71
N ASN B 178 -15.10 -27.91 -2.16
CA ASN B 178 -15.70 -28.65 -3.27
C ASN B 178 -15.97 -27.70 -4.45
N VAL B 179 -16.98 -26.87 -4.26
CA VAL B 179 -17.58 -26.13 -5.38
C VAL B 179 -16.54 -25.31 -6.13
N PRO B 180 -15.59 -24.60 -5.52
CA PRO B 180 -14.60 -23.88 -6.34
C PRO B 180 -13.51 -24.77 -6.95
N TYR B 181 -13.40 -26.01 -6.52
CA TYR B 181 -12.28 -26.86 -6.83
C TYR B 181 -12.55 -28.16 -7.57
N ALA B 182 -13.79 -28.59 -7.66
CA ALA B 182 -14.14 -29.89 -8.25
C ALA B 182 -15.28 -29.79 -9.26
N LYS B 183 -15.36 -30.71 -10.24
CA LYS B 183 -16.50 -30.64 -11.17
C LYS B 183 -17.51 -31.76 -10.96
N ASN B 184 -17.07 -32.89 -10.43
CA ASN B 184 -17.82 -34.12 -10.35
C ASN B 184 -18.03 -34.67 -8.95
N VAL B 185 -17.82 -33.92 -7.86
CA VAL B 185 -18.00 -34.49 -6.52
C VAL B 185 -19.33 -34.05 -5.94
N THR B 186 -20.18 -34.97 -5.45
CA THR B 186 -21.46 -34.48 -4.94
C THR B 186 -21.31 -33.64 -3.67
N ILE B 187 -22.21 -32.69 -3.47
CA ILE B 187 -22.24 -31.94 -2.21
C ILE B 187 -22.40 -32.88 -1.01
N GLU B 188 -23.14 -33.97 -1.18
CA GLU B 188 -23.35 -34.91 -0.07
C GLU B 188 -22.05 -35.59 0.34
N LYS B 189 -21.30 -36.05 -0.66
CA LYS B 189 -20.06 -36.75 -0.33
C LYS B 189 -19.03 -35.81 0.29
N SER B 190 -18.88 -34.59 -0.23
CA SER B 190 -17.87 -33.72 0.39
C SER B 190 -18.30 -33.28 1.77
N LEU B 191 -19.60 -33.11 2.00
CA LEU B 191 -20.08 -32.79 3.36
C LEU B 191 -19.73 -33.93 4.31
N LEU B 192 -19.96 -35.16 3.86
CA LEU B 192 -19.64 -36.33 4.66
C LEU B 192 -18.14 -36.43 4.95
N ASP B 193 -17.31 -36.21 3.93
CA ASP B 193 -15.87 -36.37 4.16
C ASP B 193 -15.32 -35.21 4.98
N TRP B 194 -15.93 -34.02 4.86
CA TRP B 194 -15.49 -32.96 5.76
C TRP B 194 -16.03 -33.17 7.17
N GLN B 195 -17.12 -33.91 7.35
CA GLN B 195 -17.55 -34.29 8.70
C GLN B 195 -16.47 -35.09 9.40
N TYR B 196 -15.80 -35.96 8.63
CA TYR B 196 -14.67 -36.71 9.17
C TYR B 196 -13.57 -35.73 9.61
N CYS B 197 -13.22 -34.75 8.78
CA CYS B 197 -12.14 -33.84 9.15
C CYS B 197 -12.44 -33.04 10.41
N ASP B 198 -13.67 -32.57 10.53
CA ASP B 198 -14.15 -31.87 11.73
C ASP B 198 -14.19 -32.81 12.93
N ARG B 199 -14.63 -34.05 12.72
CA ARG B 199 -14.72 -35.03 13.82
C ARG B 199 -13.36 -35.45 14.35
N LEU B 200 -12.33 -35.44 13.50
CA LEU B 200 -10.98 -35.72 13.98
C LEU B 200 -10.50 -34.64 14.92
N VAL B 201 -10.72 -33.40 14.47
CA VAL B 201 -10.44 -32.27 15.36
C VAL B 201 -11.25 -32.40 16.64
N GLY B 202 -12.50 -32.85 16.51
CA GLY B 202 -13.34 -33.06 17.68
C GLY B 202 -12.73 -34.05 18.65
N PHE B 203 -12.14 -35.13 18.12
CA PHE B 203 -11.46 -36.12 18.92
C PHE B 203 -10.33 -35.50 19.73
N TYR B 204 -9.51 -34.74 19.01
CA TYR B 204 -8.31 -34.15 19.58
C TYR B 204 -8.70 -33.18 20.70
N GLU B 205 -9.74 -32.38 20.46
CA GLU B 205 -10.18 -31.45 21.49
C GLU B 205 -10.61 -32.23 22.73
N GLU B 206 -11.26 -33.37 22.50
CA GLU B 206 -11.72 -34.23 23.57
C GLU B 206 -10.55 -34.66 24.44
N GLN B 207 -9.37 -34.76 23.84
CA GLN B 207 -8.19 -35.16 24.59
C GLN B 207 -7.42 -33.95 25.14
N GLY B 208 -7.92 -32.73 24.96
CA GLY B 208 -7.22 -31.56 25.46
C GLY B 208 -6.26 -30.95 24.47
N VAL B 209 -6.31 -31.40 23.22
CA VAL B 209 -5.45 -30.82 22.19
C VAL B 209 -6.23 -29.79 21.38
N HIS B 210 -5.72 -28.57 21.29
CA HIS B 210 -6.40 -27.49 20.57
C HIS B 210 -5.93 -27.34 19.14
N ILE B 211 -6.88 -27.43 18.22
CA ILE B 211 -6.59 -27.38 16.80
C ILE B 211 -7.64 -26.52 16.09
N ASN B 212 -7.18 -25.62 15.25
CA ASN B 212 -8.04 -24.67 14.55
C ASN B 212 -8.60 -25.22 13.25
N ARG B 213 -9.80 -24.76 12.89
CA ARG B 213 -10.35 -25.01 11.57
C ARG B 213 -10.78 -23.69 10.91
N GLU B 214 -10.47 -23.56 9.62
CA GLU B 214 -10.78 -22.36 8.87
C GLU B 214 -11.57 -22.64 7.59
N PRO B 215 -12.88 -22.50 7.60
CA PRO B 215 -13.66 -22.52 6.35
C PRO B 215 -13.07 -21.54 5.33
N PHE B 216 -13.08 -21.92 4.07
CA PHE B 216 -12.44 -21.13 3.02
C PHE B 216 -13.37 -20.10 2.40
N GLY B 217 -13.34 -18.89 2.94
CA GLY B 217 -14.22 -17.82 2.59
C GLY B 217 -14.33 -17.39 1.14
N PRO B 218 -13.22 -17.02 0.51
CA PRO B 218 -13.20 -16.48 -0.84
C PRO B 218 -13.83 -17.34 -1.94
N LEU B 219 -13.97 -18.64 -1.76
CA LEU B 219 -14.53 -19.53 -2.78
C LEU B 219 -13.85 -19.34 -4.13
N THR B 220 -14.55 -18.88 -5.18
CA THR B 220 -13.91 -18.73 -6.48
C THR B 220 -13.12 -17.43 -6.64
N GLY B 221 -13.05 -16.61 -5.61
CA GLY B 221 -12.33 -15.36 -5.61
C GLY B 221 -12.79 -14.32 -6.60
N THR B 222 -13.93 -14.52 -7.24
CA THR B 222 -14.39 -13.72 -8.36
C THR B 222 -15.80 -13.15 -8.13
N LEU B 223 -15.84 -11.90 -7.69
CA LEU B 223 -17.05 -11.13 -7.41
C LEU B 223 -18.12 -11.90 -6.62
N VAL B 224 -17.73 -12.52 -5.49
CA VAL B 224 -18.69 -13.27 -4.69
C VAL B 224 -19.44 -12.34 -3.73
N PRO B 225 -20.75 -12.19 -3.84
CA PRO B 225 -21.46 -11.27 -2.93
C PRO B 225 -21.26 -11.68 -1.48
N PRO B 226 -20.99 -10.69 -0.61
CA PRO B 226 -20.75 -11.02 0.81
C PRO B 226 -21.84 -11.88 1.43
N SER B 227 -23.11 -11.67 1.12
CA SER B 227 -24.12 -12.49 1.78
C SER B 227 -24.00 -13.94 1.32
N MET B 228 -23.60 -14.17 0.06
CA MET B 228 -23.54 -15.60 -0.31
C MET B 228 -22.33 -16.24 0.37
N SER B 229 -21.20 -15.54 0.38
CA SER B 229 -19.96 -16.02 1.00
C SER B 229 -20.09 -16.33 2.48
N ASN B 230 -20.72 -15.40 3.20
CA ASN B 230 -21.00 -15.52 4.63
C ASN B 230 -21.97 -16.65 4.93
N ALA B 231 -22.96 -16.87 4.07
CA ALA B 231 -23.87 -17.98 4.32
C ALA B 231 -23.09 -19.29 4.30
N VAL B 232 -22.14 -19.35 3.35
CA VAL B 232 -21.30 -20.55 3.29
C VAL B 232 -20.41 -20.70 4.52
N GLY B 233 -19.74 -19.64 4.96
CA GLY B 233 -18.87 -19.71 6.14
C GLY B 233 -19.61 -20.08 7.41
N ILE B 234 -20.76 -19.44 7.62
CA ILE B 234 -21.59 -19.73 8.78
C ILE B 234 -22.05 -21.17 8.76
N THR B 235 -22.46 -21.65 7.58
CA THR B 235 -22.83 -23.05 7.51
C THR B 235 -21.70 -23.99 7.90
N GLU B 236 -20.51 -23.76 7.35
CA GLU B 236 -19.42 -24.69 7.63
C GLU B 236 -19.02 -24.67 9.09
N ALA B 237 -19.16 -23.50 9.72
CA ALA B 237 -18.87 -23.33 11.13
C ALA B 237 -19.83 -24.15 11.98
N LEU B 238 -21.11 -24.09 11.64
CA LEU B 238 -22.11 -24.87 12.35
C LEU B 238 -21.92 -26.37 12.21
N LEU B 239 -21.63 -26.78 10.98
CA LEU B 239 -21.39 -28.20 10.72
C LEU B 239 -20.11 -28.71 11.36
N ALA B 240 -19.11 -27.85 11.53
CA ALA B 240 -17.90 -28.23 12.24
C ALA B 240 -18.13 -28.31 13.74
N ALA B 241 -18.87 -27.31 14.24
CA ALA B 241 -19.14 -27.28 15.68
C ALA B 241 -19.92 -28.53 16.11
N GLU B 242 -20.74 -29.09 15.24
CA GLU B 242 -21.52 -30.29 15.58
C GLU B 242 -20.64 -31.52 15.78
N GLN B 243 -19.51 -31.61 15.06
CA GLN B 243 -18.62 -32.75 15.22
C GLN B 243 -17.58 -32.53 16.32
N GLY B 244 -17.63 -31.42 17.05
CA GLY B 244 -16.81 -31.14 18.21
C GLY B 244 -15.73 -30.09 18.05
N VAL B 245 -15.78 -29.32 16.96
CA VAL B 245 -14.75 -28.30 16.74
C VAL B 245 -14.95 -27.13 17.67
N LYS B 246 -13.89 -26.64 18.30
CA LYS B 246 -13.96 -25.60 19.31
C LYS B 246 -13.20 -24.32 18.96
N ASN B 247 -12.35 -24.32 17.93
CA ASN B 247 -11.64 -23.10 17.53
C ASN B 247 -11.74 -22.92 16.02
N ILE B 248 -12.46 -21.89 15.60
CA ILE B 248 -12.87 -21.66 14.22
C ILE B 248 -12.55 -20.25 13.73
N THR B 249 -11.86 -20.16 12.59
CA THR B 249 -11.62 -18.88 11.95
C THR B 249 -12.53 -18.82 10.71
N VAL B 250 -13.51 -17.93 10.74
CA VAL B 250 -14.33 -17.77 9.53
C VAL B 250 -13.71 -16.69 8.63
N GLY B 251 -13.85 -16.91 7.33
CA GLY B 251 -13.15 -16.13 6.36
C GLY B 251 -13.97 -15.36 5.35
N TYR B 252 -13.33 -14.34 4.77
CA TYR B 252 -13.94 -13.47 3.77
C TYR B 252 -12.92 -12.94 2.79
N GLY B 253 -13.29 -12.88 1.52
CA GLY B 253 -12.41 -12.37 0.49
C GLY B 253 -12.76 -10.94 0.08
N GLU B 254 -11.74 -10.09 0.03
CA GLU B 254 -11.91 -8.68 -0.32
C GLU B 254 -12.73 -8.50 -1.59
N CYS B 255 -13.73 -7.64 -1.57
CA CYS B 255 -14.44 -7.17 -2.75
C CYS B 255 -13.91 -5.80 -3.19
N GLY B 256 -13.44 -4.95 -2.31
CA GLY B 256 -12.72 -3.73 -2.66
C GLY B 256 -13.30 -2.44 -2.14
N ASN B 257 -14.61 -2.37 -1.98
CA ASN B 257 -15.26 -1.25 -1.29
C ASN B 257 -15.06 -1.41 0.22
N MET B 258 -14.26 -0.52 0.81
CA MET B 258 -13.87 -0.64 2.20
C MET B 258 -15.05 -0.85 3.13
N ILE B 259 -16.08 -0.02 2.96
CA ILE B 259 -17.26 -0.12 3.82
C ILE B 259 -17.95 -1.46 3.59
N GLN B 260 -18.14 -1.83 2.32
CA GLN B 260 -18.75 -3.14 2.05
C GLN B 260 -17.95 -4.25 2.71
N ASP B 261 -16.62 -4.20 2.60
CA ASP B 261 -15.78 -5.26 3.12
C ASP B 261 -15.79 -5.31 4.64
N ILE B 262 -15.78 -4.12 5.23
CA ILE B 262 -15.81 -4.08 6.70
C ILE B 262 -17.13 -4.61 7.21
N ALA B 263 -18.21 -4.22 6.54
CA ALA B 263 -19.54 -4.72 6.89
C ALA B 263 -19.60 -6.23 6.80
N ALA B 264 -19.03 -6.76 5.72
CA ALA B 264 -19.06 -8.19 5.49
C ALA B 264 -18.35 -8.96 6.60
N LEU B 265 -17.19 -8.48 7.03
CA LEU B 265 -16.45 -9.26 8.02
C LEU B 265 -17.10 -9.16 9.40
N ARG B 266 -17.58 -7.98 9.73
CA ARG B 266 -18.34 -7.87 10.98
C ARG B 266 -19.61 -8.69 10.96
N CYS B 267 -20.35 -8.69 9.85
CA CYS B 267 -21.59 -9.48 9.79
C CYS B 267 -21.27 -10.97 9.94
N LEU B 268 -20.23 -11.41 9.25
CA LEU B 268 -19.76 -12.79 9.33
C LEU B 268 -19.45 -13.17 10.78
N GLU B 269 -18.68 -12.32 11.46
CA GLU B 269 -18.29 -12.69 12.82
C GLU B 269 -19.51 -12.70 13.75
N GLU B 270 -20.29 -11.62 13.68
CA GLU B 270 -21.48 -11.51 14.52
C GLU B 270 -22.50 -12.62 14.31
N GLN B 271 -22.85 -12.88 13.05
CA GLN B 271 -23.87 -13.90 12.80
C GLN B 271 -23.29 -15.30 13.04
N THR B 272 -21.98 -15.50 12.84
CA THR B 272 -21.42 -16.82 13.16
C THR B 272 -21.62 -17.10 14.65
N ASN B 273 -21.21 -16.14 15.49
CA ASN B 273 -21.40 -16.27 16.93
C ASN B 273 -22.87 -16.45 17.28
N GLU B 274 -23.73 -15.66 16.63
CA GLU B 274 -25.16 -15.71 16.91
C GLU B 274 -25.76 -17.08 16.61
N TYR B 275 -25.45 -17.63 15.45
CA TYR B 275 -26.00 -18.91 15.05
C TYR B 275 -25.44 -20.03 15.92
N LEU B 276 -24.14 -19.97 16.21
CA LEU B 276 -23.53 -21.01 17.06
C LEU B 276 -24.29 -21.08 18.38
N LYS B 277 -24.47 -19.93 19.02
CA LYS B 277 -25.18 -19.95 20.30
C LYS B 277 -26.65 -20.29 20.16
N ALA B 278 -27.31 -19.90 19.07
CA ALA B 278 -28.70 -20.29 18.90
C ALA B 278 -28.87 -21.79 18.75
N TYR B 279 -27.82 -22.47 18.28
CA TYR B 279 -27.93 -23.92 18.11
C TYR B 279 -27.19 -24.70 19.19
N GLY B 280 -26.88 -24.01 20.29
CA GLY B 280 -26.34 -24.63 21.48
C GLY B 280 -24.83 -24.80 21.55
N TYR B 281 -24.06 -24.24 20.62
CA TYR B 281 -22.62 -24.39 20.71
C TYR B 281 -22.02 -23.19 21.42
N ASN B 282 -21.80 -23.32 22.73
CA ASN B 282 -21.52 -22.16 23.57
C ASN B 282 -20.06 -22.06 23.98
N ASP B 283 -19.22 -22.94 23.43
CA ASP B 283 -17.80 -22.90 23.80
C ASP B 283 -16.89 -22.89 22.57
N VAL B 284 -17.34 -22.19 21.54
CA VAL B 284 -16.57 -22.07 20.31
C VAL B 284 -15.87 -20.70 20.29
N PHE B 285 -14.57 -20.73 20.07
CA PHE B 285 -13.79 -19.48 20.01
C PHE B 285 -13.67 -19.06 18.55
N VAL B 286 -14.36 -17.99 18.17
CA VAL B 286 -14.41 -17.53 16.78
C VAL B 286 -13.46 -16.35 16.48
N THR B 287 -12.69 -16.53 15.41
CA THR B 287 -11.82 -15.53 14.82
C THR B 287 -12.17 -15.38 13.33
N THR B 288 -11.55 -14.37 12.74
CA THR B 288 -11.76 -13.92 11.38
C THR B 288 -10.45 -13.86 10.60
N VAL B 289 -10.56 -14.19 9.32
CA VAL B 289 -9.48 -14.00 8.36
C VAL B 289 -10.02 -13.23 7.15
N PHE B 290 -9.31 -12.18 6.78
CA PHE B 290 -9.55 -11.37 5.60
C PHE B 290 -8.52 -11.72 4.52
N HIS B 291 -8.94 -12.14 3.34
CA HIS B 291 -7.98 -12.41 2.27
C HIS B 291 -7.87 -11.20 1.35
N GLN B 292 -6.62 -10.77 1.14
CA GLN B 292 -6.34 -9.75 0.15
C GLN B 292 -6.79 -10.26 -1.24
N TRP B 293 -7.26 -9.33 -2.05
CA TRP B 293 -7.78 -9.49 -3.38
C TRP B 293 -7.40 -10.81 -4.04
N MET B 294 -8.37 -11.70 -4.23
CA MET B 294 -8.22 -13.04 -4.76
C MET B 294 -8.53 -13.15 -6.24
N GLY B 295 -8.84 -12.00 -6.85
CA GLY B 295 -9.04 -11.94 -8.29
C GLY B 295 -7.77 -11.68 -9.05
N GLY B 296 -7.91 -11.35 -10.34
CA GLY B 296 -6.74 -11.06 -11.16
C GLY B 296 -5.96 -9.85 -10.69
N PHE B 297 -4.64 -10.00 -10.65
CA PHE B 297 -3.70 -8.95 -10.31
C PHE B 297 -3.11 -8.27 -11.54
N PRO B 298 -2.71 -7.03 -11.39
CA PRO B 298 -1.89 -6.38 -12.40
C PRO B 298 -0.48 -6.97 -12.38
N GLN B 299 0.15 -7.06 -13.54
CA GLN B 299 1.51 -7.60 -13.59
C GLN B 299 2.54 -6.64 -13.05
N ASP B 300 2.29 -5.34 -13.19
CA ASP B 300 3.27 -4.40 -12.69
C ASP B 300 3.44 -4.57 -11.19
N GLU B 301 4.69 -4.75 -10.75
CA GLU B 301 4.90 -5.02 -9.32
C GLU B 301 4.54 -3.84 -8.43
N SER B 302 4.72 -2.61 -8.88
CA SER B 302 4.36 -1.45 -8.05
C SER B 302 2.85 -1.41 -7.88
N LYS B 303 2.15 -1.63 -9.00
CA LYS B 303 0.69 -1.72 -8.93
C LYS B 303 0.26 -2.83 -7.98
N ALA B 304 0.94 -3.97 -8.03
CA ALA B 304 0.58 -5.08 -7.12
C ALA B 304 0.68 -4.64 -5.67
N PHE B 305 1.70 -3.86 -5.31
CA PHE B 305 1.82 -3.38 -3.93
C PHE B 305 0.64 -2.47 -3.58
N GLY B 306 0.19 -1.70 -4.58
CA GLY B 306 -1.00 -0.88 -4.39
C GLY B 306 -2.19 -1.73 -4.00
N VAL B 307 -2.31 -2.92 -4.60
CA VAL B 307 -3.42 -3.80 -4.23
C VAL B 307 -3.18 -4.40 -2.86
N ILE B 308 -1.96 -4.90 -2.64
CA ILE B 308 -1.65 -5.58 -1.38
C ILE B 308 -1.90 -4.70 -0.17
N VAL B 309 -1.46 -3.45 -0.28
CA VAL B 309 -1.47 -2.60 0.93
C VAL B 309 -2.81 -1.90 1.12
N THR B 310 -3.55 -1.66 0.04
CA THR B 310 -4.90 -1.14 0.23
C THR B 310 -5.77 -2.23 0.88
N ALA B 311 -5.61 -3.47 0.43
CA ALA B 311 -6.33 -4.61 1.00
C ALA B 311 -6.00 -4.79 2.48
N THR B 312 -4.72 -4.65 2.81
CA THR B 312 -4.28 -4.73 4.20
C THR B 312 -4.90 -3.64 5.07
N THR B 313 -5.05 -2.43 4.53
CA THR B 313 -5.64 -1.33 5.28
C THR B 313 -7.08 -1.66 5.65
N ILE B 314 -7.82 -2.23 4.69
CA ILE B 314 -9.20 -2.63 4.93
C ILE B 314 -9.28 -3.67 6.05
N ALA B 315 -8.41 -4.68 5.94
CA ALA B 315 -8.33 -5.71 6.96
C ALA B 315 -8.10 -5.13 8.35
N ALA B 316 -7.09 -4.27 8.44
CA ALA B 316 -6.76 -3.69 9.73
C ALA B 316 -7.95 -2.94 10.33
N LEU B 317 -8.60 -2.09 9.54
CA LEU B 317 -9.66 -1.25 10.09
C LEU B 317 -10.89 -2.09 10.40
N ALA B 318 -10.93 -3.26 9.77
CA ALA B 318 -12.01 -4.21 9.98
C ALA B 318 -11.83 -4.96 11.29
N GLY B 319 -10.63 -4.97 11.84
CA GLY B 319 -10.37 -5.73 13.05
C GLY B 319 -10.20 -7.22 12.79
N ALA B 320 -9.76 -7.59 11.59
CA ALA B 320 -9.50 -8.97 11.26
C ALA B 320 -8.42 -9.58 12.14
N THR B 321 -8.63 -10.84 12.50
CA THR B 321 -7.65 -11.49 13.36
C THR B 321 -6.42 -11.90 12.55
N LYS B 322 -6.69 -12.20 11.28
CA LYS B 322 -5.67 -12.69 10.34
C LYS B 322 -5.88 -12.14 8.93
N VAL B 323 -4.80 -11.87 8.22
CA VAL B 323 -4.84 -11.43 6.83
C VAL B 323 -3.91 -12.31 5.99
N ILE B 324 -4.41 -12.73 4.83
CA ILE B 324 -3.64 -13.62 3.97
C ILE B 324 -2.97 -12.78 2.88
N VAL B 325 -1.66 -12.93 2.81
CA VAL B 325 -0.78 -12.09 2.02
C VAL B 325 -0.63 -12.53 0.58
N LYS B 326 -0.82 -11.59 -0.35
CA LYS B 326 -0.50 -11.71 -1.76
C LYS B 326 0.87 -11.08 -2.04
N THR B 327 1.43 -11.38 -3.21
CA THR B 327 2.76 -10.95 -3.61
C THR B 327 2.77 -10.24 -4.95
N PRO B 328 3.79 -9.44 -5.23
CA PRO B 328 3.97 -8.80 -6.53
C PRO B 328 4.11 -9.75 -7.71
N HIS B 329 4.38 -11.04 -7.54
CA HIS B 329 4.39 -12.06 -8.58
C HIS B 329 3.03 -12.70 -8.86
N GLU B 330 1.96 -12.28 -8.18
CA GLU B 330 0.68 -12.98 -8.29
C GLU B 330 0.17 -13.17 -9.71
N ALA B 331 0.29 -12.18 -10.59
CA ALA B 331 -0.18 -12.36 -11.96
C ALA B 331 0.61 -13.36 -12.79
N ILE B 332 1.82 -13.68 -12.37
CA ILE B 332 2.76 -14.42 -13.21
C ILE B 332 2.98 -15.86 -12.78
N GLY B 333 3.39 -16.07 -11.52
CA GLY B 333 3.66 -17.42 -11.06
C GLY B 333 3.86 -17.48 -9.55
N ILE B 334 3.90 -18.70 -9.02
CA ILE B 334 4.18 -18.91 -7.60
C ILE B 334 5.42 -18.12 -7.22
N PRO B 335 5.29 -17.29 -6.20
CA PRO B 335 6.39 -16.40 -5.84
C PRO B 335 7.66 -17.07 -5.37
N THR B 336 8.78 -16.43 -5.72
CA THR B 336 10.03 -16.73 -5.04
C THR B 336 9.89 -16.35 -3.58
N LYS B 337 10.78 -16.93 -2.77
CA LYS B 337 10.84 -16.57 -1.36
C LYS B 337 11.03 -15.07 -1.16
N GLU B 338 11.80 -14.41 -2.02
CA GLU B 338 12.01 -12.98 -1.89
C GLU B 338 10.76 -12.16 -2.23
N ALA B 339 10.02 -12.55 -3.27
CA ALA B 339 8.79 -11.88 -3.65
C ALA B 339 7.71 -12.08 -2.58
N ASN B 340 7.63 -13.28 -2.00
CA ASN B 340 6.71 -13.52 -0.89
C ASN B 340 7.10 -12.71 0.34
N ALA B 341 8.40 -12.69 0.68
CA ALA B 341 8.83 -11.89 1.82
C ALA B 341 8.48 -10.42 1.63
N ALA B 342 8.57 -9.96 0.38
CA ALA B 342 8.21 -8.59 0.04
C ALA B 342 6.76 -8.28 0.40
N GLY B 343 5.90 -9.16 -0.11
CA GLY B 343 4.47 -9.06 0.16
C GLY B 343 4.19 -9.04 1.66
N ILE B 344 4.90 -9.93 2.38
CA ILE B 344 4.70 -9.97 3.83
C ILE B 344 5.26 -8.74 4.51
N LYS B 345 6.41 -8.24 4.07
CA LYS B 345 6.95 -7.03 4.70
C LYS B 345 6.06 -5.81 4.48
N ALA B 346 5.49 -5.69 3.29
CA ALA B 346 4.61 -4.58 2.97
C ALA B 346 3.33 -4.61 3.80
N THR B 347 2.79 -5.82 3.94
CA THR B 347 1.60 -6.05 4.74
C THR B 347 1.83 -5.69 6.20
N LYS B 348 2.89 -6.23 6.79
CA LYS B 348 3.18 -6.03 8.20
C LYS B 348 3.46 -4.56 8.50
N MET B 349 4.11 -3.90 7.55
CA MET B 349 4.35 -2.46 7.73
C MET B 349 3.02 -1.71 7.82
N ALA B 350 2.12 -2.03 6.90
CA ALA B 350 0.83 -1.34 6.89
C ALA B 350 0.06 -1.60 8.18
N LEU B 351 0.08 -2.86 8.61
CA LEU B 351 -0.57 -3.21 9.87
C LEU B 351 0.01 -2.41 11.04
N ASN B 352 1.33 -2.26 11.06
CA ASN B 352 1.96 -1.55 12.17
C ASN B 352 1.76 -0.05 12.01
N MET B 353 1.49 0.38 10.78
CA MET B 353 1.24 1.81 10.57
C MET B 353 -0.17 2.17 11.01
N LEU B 354 -0.98 1.16 11.31
CA LEU B 354 -2.38 1.37 11.68
C LEU B 354 -2.75 0.74 13.01
N GLU B 355 -1.75 0.49 13.87
CA GLU B 355 -1.92 -0.10 15.18
C GLU B 355 -3.09 0.45 15.99
N GLY B 356 -4.04 -0.45 16.27
CA GLY B 356 -5.20 -0.15 17.10
C GLY B 356 -6.29 0.61 16.40
N GLN B 357 -6.07 1.04 15.17
CA GLN B 357 -7.07 1.82 14.44
C GLN B 357 -8.19 0.93 13.92
N ARG B 358 -9.43 1.38 14.11
CA ARG B 358 -10.59 0.65 13.63
C ARG B 358 -11.56 1.59 12.92
N MET B 359 -12.27 1.08 11.92
CA MET B 359 -13.31 1.91 11.32
C MET B 359 -14.40 2.19 12.34
N PRO B 360 -14.77 3.43 12.62
CA PRO B 360 -15.87 3.67 13.55
C PRO B 360 -17.21 3.46 12.84
N MET B 361 -18.25 3.34 13.65
CA MET B 361 -19.59 3.11 13.15
C MET B 361 -20.09 4.36 12.42
N SER B 362 -20.82 4.16 11.35
CA SER B 362 -21.48 5.23 10.61
C SER B 362 -22.86 4.76 10.15
N LYS B 363 -23.70 5.67 9.71
CA LYS B 363 -25.00 5.27 9.15
C LYS B 363 -24.78 4.38 7.93
N GLU B 364 -23.79 4.74 7.12
CA GLU B 364 -23.34 4.02 5.94
C GLU B 364 -23.02 2.58 6.24
N LEU B 365 -22.15 2.34 7.23
CA LEU B 365 -21.77 1.00 7.65
C LEU B 365 -22.99 0.26 8.16
N GLU B 366 -23.75 0.92 9.02
CA GLU B 366 -24.98 0.39 9.60
C GLU B 366 -25.93 -0.13 8.54
N THR B 367 -26.17 0.73 7.55
CA THR B 367 -27.04 0.29 6.47
C THR B 367 -26.49 -0.91 5.73
N GLU B 368 -25.21 -0.93 5.38
CA GLU B 368 -24.71 -2.09 4.64
C GLU B 368 -24.72 -3.37 5.47
N MET B 369 -24.53 -3.24 6.78
CA MET B 369 -24.57 -4.43 7.65
C MET B 369 -25.99 -4.96 7.70
N ALA B 370 -27.01 -4.10 7.77
CA ALA B 370 -28.39 -4.60 7.80
C ALA B 370 -28.76 -5.38 6.55
N VAL B 371 -28.30 -4.84 5.42
CA VAL B 371 -28.49 -5.41 4.11
C VAL B 371 -27.88 -6.80 4.04
N ILE B 372 -26.60 -6.91 4.44
CA ILE B 372 -25.92 -8.20 4.37
C ILE B 372 -26.53 -9.20 5.34
N LYS B 373 -26.84 -8.81 6.57
CA LYS B 373 -27.49 -9.74 7.50
C LYS B 373 -28.83 -10.24 6.98
N ALA B 374 -29.64 -9.37 6.38
CA ALA B 374 -30.93 -9.76 5.83
C ALA B 374 -30.86 -10.72 4.65
N GLU B 375 -29.93 -10.45 3.74
CA GLU B 375 -29.69 -11.35 2.62
C GLU B 375 -29.22 -12.71 3.11
N THR B 376 -28.27 -12.68 4.04
CA THR B 376 -27.71 -13.93 4.54
C THR B 376 -28.77 -14.78 5.24
N LYS B 377 -29.62 -14.16 6.03
CA LYS B 377 -30.68 -14.89 6.74
C LYS B 377 -31.72 -15.47 5.78
N CYS B 378 -31.99 -14.77 4.67
CA CYS B 378 -32.86 -15.33 3.66
C CYS B 378 -32.36 -16.69 3.18
N ILE B 379 -31.05 -16.72 2.92
CA ILE B 379 -30.42 -17.94 2.42
C ILE B 379 -30.42 -19.02 3.49
N LEU B 380 -29.94 -18.71 4.68
CA LEU B 380 -29.87 -19.71 5.76
C LEU B 380 -31.26 -20.19 6.16
N ASP B 381 -32.22 -19.27 6.26
CA ASP B 381 -33.60 -19.66 6.56
C ASP B 381 -34.10 -20.69 5.57
N LYS B 382 -33.84 -20.44 4.28
CA LYS B 382 -34.34 -21.38 3.27
C LYS B 382 -33.68 -22.75 3.39
N MET B 383 -32.40 -22.74 3.67
CA MET B 383 -31.63 -23.96 3.88
C MET B 383 -32.20 -24.80 5.00
N PHE B 384 -32.48 -24.15 6.15
CA PHE B 384 -33.07 -24.92 7.25
C PHE B 384 -34.44 -25.48 6.89
N GLU B 385 -35.17 -24.74 6.06
CA GLU B 385 -36.48 -25.17 5.61
C GLU B 385 -36.41 -26.41 4.74
N LEU B 386 -35.54 -26.37 3.74
CA LEU B 386 -35.37 -27.48 2.82
C LEU B 386 -34.91 -28.75 3.54
N GLY B 387 -34.14 -28.57 4.61
CA GLY B 387 -33.60 -29.71 5.34
C GLY B 387 -34.47 -30.15 6.50
N LYS B 388 -35.64 -29.55 6.63
CA LYS B 388 -36.56 -29.82 7.73
C LYS B 388 -35.84 -29.77 9.05
N GLY B 389 -35.03 -28.72 9.16
CA GLY B 389 -34.24 -28.45 10.33
C GLY B 389 -32.84 -29.02 10.29
N ASP B 390 -32.52 -29.88 9.34
CA ASP B 390 -31.15 -30.38 9.23
C ASP B 390 -30.35 -29.53 8.24
N LEU B 391 -29.37 -28.77 8.68
CA LEU B 391 -28.59 -27.90 7.80
C LEU B 391 -27.71 -28.65 6.80
N ALA B 392 -27.31 -29.87 7.16
CA ALA B 392 -26.54 -30.71 6.25
C ALA B 392 -27.40 -31.07 5.03
N ILE B 393 -28.57 -31.64 5.28
CA ILE B 393 -29.48 -31.99 4.18
C ILE B 393 -29.96 -30.77 3.41
N GLY B 394 -30.22 -29.68 4.11
CA GLY B 394 -30.62 -28.39 3.58
C GLY B 394 -29.58 -27.81 2.64
N THR B 395 -28.32 -28.06 2.98
CA THR B 395 -27.24 -27.62 2.10
C THR B 395 -27.28 -28.36 0.77
N VAL B 396 -27.42 -29.68 0.81
CA VAL B 396 -27.54 -30.45 -0.43
C VAL B 396 -28.69 -29.95 -1.30
N LYS B 397 -29.84 -29.76 -0.67
CA LYS B 397 -31.03 -29.37 -1.42
C LYS B 397 -30.95 -27.94 -1.90
N ALA B 398 -30.22 -27.13 -1.14
CA ALA B 398 -30.05 -25.73 -1.51
C ALA B 398 -29.26 -25.63 -2.81
N PHE B 399 -28.21 -26.44 -2.94
CA PHE B 399 -27.47 -26.44 -4.19
C PHE B 399 -28.28 -27.08 -5.31
N GLU B 400 -29.07 -28.09 -4.96
CA GLU B 400 -29.91 -28.69 -5.99
C GLU B 400 -30.89 -27.68 -6.58
N THR B 401 -31.33 -26.73 -5.76
CA THR B 401 -32.40 -25.84 -6.16
C THR B 401 -31.92 -24.44 -6.50
N GLY B 402 -30.63 -24.17 -6.42
CA GLY B 402 -30.07 -22.87 -6.71
C GLY B 402 -30.27 -21.85 -5.61
N VAL B 403 -30.63 -22.31 -4.42
CA VAL B 403 -30.82 -21.42 -3.27
C VAL B 403 -29.44 -20.93 -2.84
N MET B 404 -28.48 -21.84 -2.85
CA MET B 404 -27.06 -21.53 -2.73
C MET B 404 -26.42 -21.69 -4.11
N ASP B 405 -25.70 -20.66 -4.55
CA ASP B 405 -25.13 -20.56 -5.89
C ASP B 405 -23.88 -19.66 -5.92
N ILE B 406 -22.75 -20.26 -6.29
CA ILE B 406 -21.44 -19.63 -6.17
C ILE B 406 -20.93 -19.21 -7.56
N PRO B 407 -20.73 -17.91 -7.79
CA PRO B 407 -20.30 -17.46 -9.11
C PRO B 407 -19.05 -18.15 -9.65
N PHE B 408 -19.20 -18.63 -10.88
CA PHE B 408 -18.12 -19.26 -11.65
C PHE B 408 -17.67 -20.60 -11.08
N GLY B 409 -18.35 -21.19 -10.10
CA GLY B 409 -17.89 -22.48 -9.56
C GLY B 409 -17.96 -23.60 -10.59
N PRO B 410 -16.89 -24.35 -10.80
CA PRO B 410 -16.89 -25.42 -11.83
C PRO B 410 -17.69 -26.66 -11.47
N SER B 411 -18.13 -26.81 -10.24
CA SER B 411 -18.98 -27.93 -9.85
C SER B 411 -20.25 -28.08 -10.68
N LYS B 412 -20.49 -29.25 -11.24
CA LYS B 412 -21.76 -29.53 -11.93
C LYS B 412 -22.98 -29.45 -11.03
N TYR B 413 -22.81 -29.55 -9.72
CA TYR B 413 -23.82 -29.43 -8.70
C TYR B 413 -24.10 -27.99 -8.31
N ASN B 414 -23.39 -27.03 -8.90
CA ASN B 414 -23.63 -25.60 -8.69
C ASN B 414 -24.51 -25.07 -9.83
N ALA B 415 -25.57 -24.35 -9.49
CA ALA B 415 -26.55 -23.92 -10.48
C ALA B 415 -25.97 -23.01 -11.56
N GLY B 416 -25.10 -22.08 -11.21
CA GLY B 416 -24.49 -21.20 -12.20
C GLY B 416 -25.47 -20.20 -12.78
N LYS B 417 -26.52 -19.86 -12.03
CA LYS B 417 -27.55 -18.95 -12.50
C LYS B 417 -27.36 -17.52 -11.98
N MET B 418 -27.04 -17.39 -10.70
CA MET B 418 -26.81 -16.08 -10.12
C MET B 418 -25.59 -15.44 -10.77
N MET B 419 -25.68 -14.16 -11.06
CA MET B 419 -24.69 -13.32 -11.71
C MET B 419 -24.38 -12.09 -10.87
N PRO B 420 -23.14 -11.91 -10.42
CA PRO B 420 -22.74 -10.70 -9.71
C PRO B 420 -22.18 -9.61 -10.61
N VAL B 421 -22.17 -8.38 -10.08
CA VAL B 421 -21.56 -7.24 -10.79
C VAL B 421 -21.40 -6.09 -9.82
N ARG B 422 -20.45 -5.17 -10.07
CA ARG B 422 -20.33 -4.06 -9.13
C ARG B 422 -21.29 -2.91 -9.42
N ASP B 423 -21.55 -2.18 -8.33
CA ASP B 423 -22.36 -0.98 -8.40
C ASP B 423 -21.46 0.24 -8.62
N ASN B 424 -22.04 1.45 -8.56
CA ASN B 424 -21.28 2.63 -8.95
C ASN B 424 -20.21 3.01 -7.93
N LEU B 425 -20.26 2.47 -6.72
CA LEU B 425 -19.16 2.72 -5.77
C LEU B 425 -18.28 1.50 -5.62
N GLY B 426 -18.43 0.54 -6.55
CA GLY B 426 -17.62 -0.65 -6.55
C GLY B 426 -18.10 -1.73 -5.59
N CYS B 427 -19.29 -1.59 -4.99
CA CYS B 427 -19.77 -2.67 -4.12
C CYS B 427 -20.29 -3.83 -4.97
N VAL B 428 -19.95 -5.08 -4.66
CA VAL B 428 -20.48 -6.22 -5.43
C VAL B 428 -21.95 -6.45 -5.07
N ARG B 429 -22.78 -6.52 -6.09
CA ARG B 429 -24.22 -6.70 -5.97
C ARG B 429 -24.70 -7.89 -6.78
N TYR B 430 -25.96 -8.25 -6.66
CA TYR B 430 -26.64 -9.26 -7.46
C TYR B 430 -27.26 -8.63 -8.71
N LEU B 431 -26.79 -9.02 -9.88
CA LEU B 431 -27.27 -8.59 -11.18
C LEU B 431 -28.42 -9.50 -11.60
N GLU B 432 -28.19 -10.81 -11.59
CA GLU B 432 -29.24 -11.78 -11.84
C GLU B 432 -29.44 -12.64 -10.59
N PHE B 433 -30.65 -12.80 -10.08
CA PHE B 433 -30.82 -13.49 -8.81
C PHE B 433 -30.88 -15.00 -8.90
N GLY B 434 -31.26 -15.51 -10.05
CA GLY B 434 -31.49 -16.96 -10.14
C GLY B 434 -32.56 -17.36 -9.12
N ASN B 435 -32.34 -18.46 -8.43
CA ASN B 435 -33.21 -18.97 -7.38
C ASN B 435 -32.78 -18.56 -5.98
N VAL B 436 -31.93 -17.53 -5.87
CA VAL B 436 -31.52 -17.11 -4.52
C VAL B 436 -32.72 -16.47 -3.84
N PRO B 437 -33.09 -16.95 -2.66
CA PRO B 437 -34.44 -16.65 -2.15
C PRO B 437 -34.58 -15.32 -1.44
N PHE B 438 -34.40 -14.22 -2.17
CA PHE B 438 -34.52 -12.89 -1.60
C PHE B 438 -35.92 -12.31 -1.69
N THR B 439 -36.22 -11.42 -0.76
CA THR B 439 -37.48 -10.70 -0.87
C THR B 439 -37.38 -9.64 -1.97
N GLU B 440 -38.52 -9.14 -2.43
CA GLU B 440 -38.47 -8.12 -3.48
C GLU B 440 -37.79 -6.85 -3.01
N GLU B 441 -37.97 -6.52 -1.76
CA GLU B 441 -37.31 -5.37 -1.13
C GLU B 441 -35.81 -5.39 -1.33
N ILE B 442 -35.22 -6.54 -1.07
CA ILE B 442 -33.83 -6.91 -1.10
C ILE B 442 -33.37 -6.89 -2.55
N LYS B 443 -34.21 -7.44 -3.43
CA LYS B 443 -33.94 -7.34 -4.87
C LYS B 443 -33.95 -5.88 -5.32
N ASN B 444 -34.91 -5.09 -4.84
CA ASN B 444 -35.04 -3.69 -5.24
C ASN B 444 -33.82 -2.87 -4.84
N TYR B 445 -33.26 -3.11 -3.66
CA TYR B 445 -32.04 -2.40 -3.29
C TYR B 445 -30.88 -2.71 -4.22
N ASN B 446 -30.64 -3.98 -4.51
CA ASN B 446 -29.57 -4.31 -5.47
C ASN B 446 -29.78 -3.61 -6.81
N ARG B 447 -31.00 -3.62 -7.33
CA ARG B 447 -31.28 -2.96 -8.60
C ARG B 447 -31.03 -1.46 -8.54
N GLU B 448 -31.46 -0.83 -7.45
CA GLU B 448 -31.30 0.61 -7.27
C GLU B 448 -29.84 1.01 -7.26
N ARG B 449 -29.02 0.22 -6.58
CA ARG B 449 -27.60 0.56 -6.53
C ARG B 449 -26.96 0.41 -7.90
N LEU B 450 -27.43 -0.60 -8.63
CA LEU B 450 -26.86 -0.88 -9.94
C LEU B 450 -27.31 0.13 -10.98
N GLN B 451 -28.55 0.59 -10.85
CA GLN B 451 -29.02 1.61 -11.80
C GLN B 451 -28.12 2.84 -11.75
N GLU B 452 -27.50 3.10 -10.60
CA GLU B 452 -26.65 4.29 -10.49
C GLU B 452 -25.42 4.19 -11.38
N ARG B 453 -24.94 2.96 -11.54
CA ARG B 453 -23.79 2.70 -12.40
C ARG B 453 -24.18 2.89 -13.88
N ALA B 454 -25.37 2.39 -14.19
CA ALA B 454 -25.97 2.50 -15.50
C ALA B 454 -26.02 3.96 -15.92
N LYS B 455 -26.58 4.76 -15.01
CA LYS B 455 -26.67 6.20 -15.26
C LYS B 455 -25.29 6.82 -15.39
N PHE B 456 -24.36 6.53 -14.49
CA PHE B 456 -23.06 7.16 -14.61
C PHE B 456 -22.30 6.76 -15.86
N GLU B 457 -22.41 5.48 -16.22
CA GLU B 457 -21.66 4.96 -17.35
C GLU B 457 -22.36 5.14 -18.70
N GLY B 458 -23.66 5.39 -18.69
CA GLY B 458 -24.46 5.61 -19.89
C GLY B 458 -24.64 4.32 -20.68
N ARG B 459 -24.72 3.21 -19.96
CA ARG B 459 -24.93 1.90 -20.58
C ARG B 459 -25.72 1.03 -19.61
N ASP B 460 -26.54 0.13 -20.14
CA ASP B 460 -27.36 -0.76 -19.33
C ASP B 460 -26.48 -1.75 -18.58
N VAL B 461 -26.83 -2.07 -17.34
CA VAL B 461 -26.07 -3.10 -16.64
C VAL B 461 -26.27 -4.43 -17.36
N SER B 462 -25.19 -5.20 -17.41
CA SER B 462 -25.12 -6.39 -18.23
C SER B 462 -23.88 -7.22 -17.95
N PHE B 463 -23.82 -8.37 -18.59
CA PHE B 463 -22.71 -9.32 -18.49
C PHE B 463 -21.42 -8.72 -19.03
N GLN B 464 -21.51 -7.76 -19.95
CA GLN B 464 -20.29 -7.10 -20.40
C GLN B 464 -19.60 -6.35 -19.25
N MET B 465 -20.40 -5.71 -18.40
CA MET B 465 -19.89 -5.11 -17.19
C MET B 465 -19.23 -6.13 -16.27
N VAL B 466 -19.84 -7.30 -16.13
CA VAL B 466 -19.27 -8.42 -15.37
C VAL B 466 -17.89 -8.77 -15.94
N ILE B 467 -17.81 -8.87 -17.26
CA ILE B 467 -16.52 -9.14 -17.91
C ILE B 467 -15.56 -8.01 -17.59
N ASP B 468 -16.04 -6.77 -17.73
CA ASP B 468 -15.18 -5.63 -17.46
C ASP B 468 -14.65 -5.65 -16.03
N ASP B 469 -15.49 -6.06 -15.08
CA ASP B 469 -15.10 -6.09 -13.67
C ASP B 469 -14.11 -7.23 -13.42
N ILE B 470 -14.26 -8.33 -14.16
CA ILE B 470 -13.32 -9.45 -14.03
C ILE B 470 -11.91 -9.00 -14.40
N PHE B 471 -11.74 -8.14 -15.40
CA PHE B 471 -10.42 -7.64 -15.79
C PHE B 471 -9.95 -6.36 -15.14
N ALA B 472 -10.79 -5.64 -14.43
CA ALA B 472 -10.55 -4.27 -13.98
C ALA B 472 -9.28 -4.09 -13.16
N VAL B 473 -9.11 -4.89 -12.11
CA VAL B 473 -7.94 -4.71 -11.23
C VAL B 473 -6.67 -5.02 -11.99
N GLY B 474 -6.69 -6.09 -12.79
CA GLY B 474 -5.54 -6.40 -13.62
C GLY B 474 -5.20 -5.27 -14.57
N LYS B 475 -6.20 -4.49 -14.98
CA LYS B 475 -5.93 -3.37 -15.88
C LYS B 475 -5.73 -2.06 -15.14
N GLY B 476 -5.74 -2.07 -13.80
CA GLY B 476 -5.34 -0.91 -13.05
C GLY B 476 -6.42 -0.24 -12.24
N ARG B 477 -7.62 -0.80 -12.10
CA ARG B 477 -8.62 -0.14 -11.26
C ARG B 477 -9.63 -1.10 -10.69
N LEU B 478 -10.44 -0.65 -9.71
CA LEU B 478 -11.43 -1.56 -9.14
C LEU B 478 -12.63 -1.79 -10.05
N ILE B 479 -13.19 -0.71 -10.59
CA ILE B 479 -14.44 -0.79 -11.35
C ILE B 479 -14.20 -0.82 -12.85
N GLY B 480 -14.83 -1.76 -13.53
CA GLY B 480 -14.70 -1.88 -14.98
C GLY B 480 -15.47 -0.83 -15.74
N ARG B 481 -15.03 0.43 -15.65
CA ARG B 481 -15.57 1.53 -16.45
C ARG B 481 -15.31 1.29 -17.95
N PRO B 482 -16.22 1.77 -18.79
CA PRO B 482 -16.01 1.55 -20.22
C PRO B 482 -14.77 2.29 -20.73
N GLU B 483 -14.23 1.75 -21.79
CA GLU B 483 -13.13 2.18 -22.63
C GLU B 483 -12.05 1.10 -22.69
N MET C 1 32.53 9.34 27.60
CA MET C 1 33.50 8.99 28.64
C MET C 1 34.19 10.22 29.20
N GLU C 2 35.17 10.79 28.50
CA GLU C 2 35.84 12.01 28.97
C GLU C 2 35.20 13.27 28.37
N LYS C 3 35.46 14.41 29.03
CA LYS C 3 34.79 15.63 28.60
C LYS C 3 35.50 16.26 27.40
N LYS C 4 35.37 15.54 26.28
CA LYS C 4 35.94 16.07 25.05
C LYS C 4 34.95 16.99 24.34
N THR C 5 35.50 17.86 23.49
CA THR C 5 34.61 18.79 22.80
C THR C 5 34.56 18.48 21.32
N ILE C 6 33.33 18.43 20.80
CA ILE C 6 33.12 18.31 19.36
C ILE C 6 32.38 19.53 18.83
N VAL C 7 32.63 19.85 17.57
CA VAL C 7 31.77 20.82 16.86
C VAL C 7 30.76 20.01 16.04
N LEU C 8 29.49 20.41 16.07
CA LEU C 8 28.42 19.72 15.35
C LEU C 8 27.59 20.72 14.54
N GLY C 9 27.31 20.39 13.29
CA GLY C 9 26.40 21.17 12.47
C GLY C 9 26.04 20.49 11.15
N VAL C 10 25.26 21.21 10.35
CA VAL C 10 24.80 20.79 9.04
C VAL C 10 25.31 21.77 7.99
N ILE C 11 25.92 21.23 6.94
CA ILE C 11 26.76 22.08 6.10
C ILE C 11 26.04 22.59 4.85
N GLY C 12 26.50 23.71 4.35
CA GLY C 12 26.07 24.37 3.14
C GLY C 12 24.72 25.02 3.20
N SER C 13 23.90 24.79 2.17
CA SER C 13 22.56 25.35 2.10
C SER C 13 21.49 24.41 2.66
N ASP C 14 21.88 23.49 3.53
CA ASP C 14 21.05 22.43 4.11
C ASP C 14 20.37 22.85 5.41
N CYS C 15 19.04 22.79 5.42
CA CYS C 15 18.25 23.19 6.57
C CYS C 15 17.75 22.03 7.44
N HIS C 16 18.10 20.80 7.12
CA HIS C 16 17.59 19.65 7.88
C HIS C 16 18.01 19.73 9.33
N ALA C 17 17.06 19.72 10.27
CA ALA C 17 17.43 20.04 11.64
C ALA C 17 17.15 18.94 12.67
N VAL C 18 16.34 17.94 12.35
CA VAL C 18 15.90 16.97 13.34
C VAL C 18 17.04 16.05 13.77
N GLY C 19 17.80 15.55 12.78
CA GLY C 19 18.94 14.71 13.10
C GLY C 19 19.93 15.48 13.95
N ASN C 20 20.16 16.75 13.64
CA ASN C 20 21.10 17.57 14.40
C ASN C 20 20.70 17.62 15.86
N LYS C 21 19.39 17.73 16.12
CA LYS C 21 18.99 17.79 17.53
C LYS C 21 19.18 16.45 18.24
N ILE C 22 18.92 15.37 17.52
CA ILE C 22 19.10 14.03 18.09
C ILE C 22 20.58 13.77 18.38
N LEU C 23 21.44 14.16 17.44
CA LEU C 23 22.87 13.98 17.58
C LEU C 23 23.43 14.75 18.77
N ASP C 24 22.96 15.99 18.87
CA ASP C 24 23.37 16.83 20.00
C ASP C 24 22.98 16.11 21.30
N HIS C 25 21.72 15.68 21.35
CA HIS C 25 21.20 15.04 22.55
C HIS C 25 21.96 13.77 22.88
N ALA C 26 22.19 12.93 21.86
CA ALA C 26 22.91 11.69 22.15
C ALA C 26 24.36 11.92 22.53
N PHE C 27 25.08 12.82 21.87
CA PHE C 27 26.50 12.97 22.17
C PHE C 27 26.70 13.63 23.53
N THR C 28 25.81 14.57 23.81
CA THR C 28 25.77 15.18 25.13
C THR C 28 25.55 14.10 26.19
N ASN C 29 24.54 13.27 25.92
CA ASN C 29 24.29 12.16 26.84
C ASN C 29 25.50 11.26 27.04
N ALA C 30 26.34 11.14 26.02
CA ALA C 30 27.49 10.27 26.05
C ALA C 30 28.68 10.88 26.79
N GLY C 31 28.61 12.16 27.15
CA GLY C 31 29.68 12.76 27.92
C GLY C 31 30.42 13.88 27.22
N PHE C 32 30.04 14.16 25.97
CA PHE C 32 30.72 15.17 25.19
C PHE C 32 30.15 16.58 25.41
N ASN C 33 31.07 17.52 25.25
CA ASN C 33 30.78 18.93 25.19
C ASN C 33 30.43 19.24 23.73
N VAL C 34 29.13 19.41 23.47
CA VAL C 34 28.73 19.62 22.09
C VAL C 34 28.56 21.09 21.74
N VAL C 35 29.43 21.56 20.85
CA VAL C 35 29.34 22.91 20.30
C VAL C 35 28.54 22.80 19.00
N ASN C 36 27.25 23.06 19.12
CA ASN C 36 26.31 22.87 18.04
C ASN C 36 26.10 24.16 17.25
N ILE C 37 26.74 24.25 16.08
CA ILE C 37 26.61 25.46 15.27
C ILE C 37 25.36 25.44 14.38
N GLY C 38 24.66 24.31 14.34
CA GLY C 38 23.36 24.23 13.70
C GLY C 38 23.36 24.13 12.20
N VAL C 39 22.22 24.46 11.59
CA VAL C 39 22.06 24.31 10.15
C VAL C 39 22.58 25.49 9.34
N LEU C 40 22.61 25.24 8.04
CA LEU C 40 23.00 26.19 7.00
C LEU C 40 24.36 26.82 7.28
N SER C 41 25.30 25.98 7.67
CA SER C 41 26.62 26.38 8.13
C SER C 41 27.72 26.19 7.09
N PRO C 42 28.39 27.26 6.72
CA PRO C 42 29.51 27.09 5.77
C PRO C 42 30.72 26.55 6.52
N GLN C 43 31.68 26.00 5.81
CA GLN C 43 32.91 25.45 6.36
C GLN C 43 33.57 26.34 7.40
N GLU C 44 33.64 27.64 7.14
CA GLU C 44 34.31 28.58 8.03
C GLU C 44 33.71 28.61 9.43
N LEU C 45 32.39 28.40 9.57
CA LEU C 45 31.81 28.42 10.90
C LEU C 45 32.19 27.17 11.69
N PHE C 46 32.49 26.09 10.99
CA PHE C 46 32.89 24.89 11.71
C PHE C 46 34.30 25.11 12.29
N ILE C 47 35.11 25.84 11.54
CA ILE C 47 36.50 26.04 11.92
C ILE C 47 36.64 27.10 13.00
N LYS C 48 35.90 28.19 12.86
CA LYS C 48 35.83 29.23 13.89
C LYS C 48 35.46 28.64 15.25
N ALA C 49 34.41 27.83 15.28
CA ALA C 49 33.94 27.23 16.53
C ALA C 49 34.96 26.28 17.13
N ALA C 50 35.57 25.50 16.22
CA ALA C 50 36.57 24.53 16.65
C ALA C 50 37.75 25.25 17.31
N ILE C 51 38.11 26.43 16.79
CA ILE C 51 39.24 27.13 17.36
C ILE C 51 38.85 27.76 18.70
N GLU C 52 37.76 28.50 18.64
CA GLU C 52 37.21 29.17 19.81
C GLU C 52 37.13 28.23 21.01
N THR C 53 36.79 26.97 20.74
CA THR C 53 36.48 26.03 21.80
C THR C 53 37.48 24.90 21.93
N LYS C 54 38.53 24.91 21.12
CA LYS C 54 39.56 23.87 21.21
C LYS C 54 38.97 22.46 21.15
N ALA C 55 38.07 22.28 20.19
CA ALA C 55 37.38 21.04 19.90
C ALA C 55 38.35 19.94 19.47
N ASP C 56 38.01 18.73 19.88
CA ASP C 56 38.74 17.53 19.54
C ASP C 56 38.30 16.91 18.23
N ALA C 57 37.11 17.30 17.78
CA ALA C 57 36.57 16.77 16.55
C ALA C 57 35.49 17.70 15.98
N ILE C 58 35.32 17.59 14.67
CA ILE C 58 34.26 18.26 13.92
C ILE C 58 33.39 17.19 13.27
N LEU C 59 32.12 17.11 13.67
CA LEU C 59 31.17 16.20 13.05
C LEU C 59 30.35 16.98 12.04
N VAL C 60 30.55 16.67 10.76
CA VAL C 60 29.82 17.35 9.70
C VAL C 60 28.63 16.49 9.29
N SER C 61 27.43 17.06 9.43
CA SER C 61 26.24 16.38 8.94
C SER C 61 25.82 16.95 7.59
N SER C 62 25.47 16.05 6.68
CA SER C 62 24.98 16.48 5.37
C SER C 62 23.88 15.55 4.87
N LEU C 63 22.67 16.06 4.82
CA LEU C 63 21.52 15.28 4.43
C LEU C 63 20.93 15.60 3.08
N TYR C 64 20.98 16.85 2.65
CA TYR C 64 20.16 17.30 1.53
C TYR C 64 20.69 16.87 0.17
N GLY C 65 21.85 16.22 0.13
CA GLY C 65 22.41 15.67 -1.08
C GLY C 65 23.61 16.39 -1.67
N GLN C 66 23.82 17.68 -1.40
CA GLN C 66 24.91 18.39 -2.06
C GLN C 66 26.20 18.41 -1.25
N GLY C 67 26.36 17.48 -0.32
CA GLY C 67 27.57 17.35 0.48
C GLY C 67 28.80 17.01 -0.33
N GLU C 68 28.62 16.37 -1.48
CA GLU C 68 29.81 16.10 -2.29
C GLU C 68 30.44 17.41 -2.74
N ILE C 69 29.63 18.45 -2.96
CA ILE C 69 30.23 19.75 -3.26
C ILE C 69 30.65 20.46 -1.97
N ASP C 70 29.76 20.47 -0.97
CA ASP C 70 29.94 21.29 0.20
C ASP C 70 31.12 20.86 1.08
N CYS C 71 31.43 19.57 1.05
CA CYS C 71 32.41 19.00 1.96
C CYS C 71 33.85 19.06 1.46
N LYS C 72 34.02 19.32 0.18
CA LYS C 72 35.34 19.46 -0.42
C LYS C 72 36.12 20.63 0.16
N GLY C 73 37.35 20.39 0.60
CA GLY C 73 38.19 21.47 1.08
C GLY C 73 38.20 21.73 2.56
N LEU C 74 37.48 20.93 3.36
CA LEU C 74 37.46 21.27 4.78
C LEU C 74 38.80 20.97 5.44
N ARG C 75 39.36 19.82 5.13
CA ARG C 75 40.64 19.43 5.75
C ARG C 75 41.70 20.51 5.51
N GLN C 76 41.89 20.85 4.24
CA GLN C 76 42.82 21.89 3.83
C GLN C 76 42.62 23.15 4.65
N LYS C 77 41.36 23.58 4.72
CA LYS C 77 41.15 24.82 5.49
C LYS C 77 41.45 24.57 6.97
N CYS C 78 41.19 23.37 7.49
CA CYS C 78 41.48 23.20 8.91
C CYS C 78 42.99 23.32 9.13
N ASP C 79 43.72 22.73 8.18
CA ASP C 79 45.17 22.75 8.30
C ASP C 79 45.65 24.21 8.31
N GLU C 80 45.17 25.00 7.35
CA GLU C 80 45.59 26.39 7.24
C GLU C 80 45.24 27.20 8.48
N ALA C 81 44.22 26.75 9.21
CA ALA C 81 43.83 27.46 10.42
C ALA C 81 44.58 26.94 11.64
N GLY C 82 45.48 25.97 11.43
CA GLY C 82 46.25 25.44 12.55
C GLY C 82 45.57 24.31 13.28
N LEU C 83 44.64 23.64 12.62
CA LEU C 83 43.89 22.53 13.20
C LEU C 83 44.36 21.20 12.59
N GLU C 84 45.63 21.15 12.25
CA GLU C 84 46.23 19.95 11.68
C GLU C 84 45.88 18.76 12.57
N GLY C 85 45.55 17.63 11.94
CA GLY C 85 45.20 16.40 12.58
C GLY C 85 43.88 16.31 13.30
N ILE C 86 43.08 17.37 13.38
CA ILE C 86 41.80 17.22 14.07
C ILE C 86 40.95 16.13 13.43
N LEU C 87 40.12 15.44 14.21
CA LEU C 87 39.24 14.40 13.67
C LEU C 87 38.14 15.04 12.84
N LEU C 88 37.88 14.48 11.66
CA LEU C 88 36.86 14.95 10.75
C LEU C 88 35.88 13.81 10.41
N TYR C 89 34.64 13.91 10.85
CA TYR C 89 33.60 12.93 10.56
C TYR C 89 32.53 13.56 9.66
N VAL C 90 31.97 12.73 8.78
CA VAL C 90 30.86 13.18 7.92
C VAL C 90 29.87 12.04 7.81
N GLY C 91 28.59 12.38 7.98
CA GLY C 91 27.48 11.43 7.90
C GLY C 91 26.19 12.07 7.41
N GLY C 92 25.14 11.27 7.31
CA GLY C 92 23.86 11.68 6.79
C GLY C 92 23.51 10.95 5.49
N ASN C 93 23.21 11.75 4.46
CA ASN C 93 22.92 11.39 3.09
C ASN C 93 23.75 12.29 2.16
N ILE C 94 25.03 11.95 2.13
CA ILE C 94 26.13 12.84 1.70
C ILE C 94 26.29 12.98 0.20
N VAL C 95 25.64 12.12 -0.58
CA VAL C 95 25.71 12.22 -2.03
C VAL C 95 24.29 12.26 -2.59
N VAL C 96 24.16 12.66 -3.85
CA VAL C 96 22.83 12.65 -4.45
C VAL C 96 22.50 11.25 -4.94
N GLY C 97 21.47 10.67 -4.35
CA GLY C 97 20.90 9.40 -4.76
C GLY C 97 21.49 8.19 -4.08
N LYS C 98 20.84 7.06 -4.32
CA LYS C 98 21.41 5.77 -3.90
C LYS C 98 22.65 5.44 -4.72
N GLN C 99 23.79 5.21 -4.07
CA GLN C 99 25.01 4.86 -4.80
C GLN C 99 25.68 3.64 -4.18
N HIS C 100 26.76 3.15 -4.77
CA HIS C 100 27.46 1.99 -4.19
C HIS C 100 28.31 2.45 -3.00
N TRP C 101 27.92 2.08 -1.78
CA TRP C 101 28.49 2.71 -0.59
C TRP C 101 30.02 2.74 -0.54
N PRO C 102 30.70 1.63 -0.78
CA PRO C 102 32.17 1.66 -0.74
C PRO C 102 32.76 2.75 -1.61
N ASP C 103 32.14 2.96 -2.79
CA ASP C 103 32.70 3.98 -3.67
C ASP C 103 32.55 5.37 -3.06
N VAL C 104 31.43 5.56 -2.36
CA VAL C 104 31.15 6.83 -1.72
C VAL C 104 32.09 7.06 -0.52
N GLU C 105 32.23 6.03 0.29
CA GLU C 105 33.10 6.14 1.44
C GLU C 105 34.53 6.52 1.04
N LYS C 106 35.05 5.92 -0.02
CA LYS C 106 36.38 6.18 -0.55
C LYS C 106 36.53 7.65 -0.95
N ARG C 107 35.50 8.08 -1.68
CA ARG C 107 35.40 9.43 -2.19
C ARG C 107 35.51 10.45 -1.07
N PHE C 108 34.89 10.20 0.09
CA PHE C 108 34.97 11.23 1.13
C PHE C 108 36.24 11.12 1.96
N LYS C 109 36.74 9.90 2.11
CA LYS C 109 38.08 9.71 2.70
C LYS C 109 39.15 10.40 1.87
N ASP C 110 39.05 10.30 0.54
CA ASP C 110 39.97 11.00 -0.36
C ASP C 110 39.89 12.51 -0.17
N MET C 111 38.78 13.01 0.38
CA MET C 111 38.70 14.45 0.66
C MET C 111 39.36 14.81 1.98
N GLY C 112 39.78 13.82 2.78
CA GLY C 112 40.38 14.13 4.06
C GLY C 112 39.49 13.84 5.25
N TYR C 113 38.37 13.15 5.08
CA TYR C 113 37.49 12.82 6.21
C TYR C 113 38.03 11.58 6.90
N ASP C 114 38.10 11.60 8.23
CA ASP C 114 38.60 10.48 9.02
C ASP C 114 37.60 9.33 9.01
N ARG C 115 36.32 9.64 9.20
CA ARG C 115 35.29 8.58 9.12
C ARG C 115 34.10 9.10 8.32
N VAL C 116 33.44 8.22 7.61
CA VAL C 116 32.36 8.53 6.66
C VAL C 116 31.16 7.62 6.91
N TYR C 117 29.99 8.20 7.14
CA TYR C 117 28.82 7.39 7.50
C TYR C 117 27.69 7.41 6.46
N ALA C 118 27.08 6.26 6.26
CA ALA C 118 25.97 5.93 5.39
C ALA C 118 24.62 6.37 5.95
N PRO C 119 23.62 6.47 5.08
CA PRO C 119 22.27 6.85 5.50
C PRO C 119 21.78 5.98 6.65
N GLY C 120 21.08 6.60 7.58
CA GLY C 120 20.50 5.89 8.70
C GLY C 120 21.43 5.43 9.79
N THR C 121 22.67 5.92 9.84
CA THR C 121 23.63 5.56 10.89
C THR C 121 23.13 5.98 12.27
N PRO C 122 22.99 5.07 13.21
CA PRO C 122 22.59 5.45 14.57
C PRO C 122 23.69 6.26 15.26
N PRO C 123 23.30 7.26 16.04
CA PRO C 123 24.30 8.05 16.77
C PRO C 123 25.27 7.18 17.56
N GLU C 124 24.79 6.07 18.10
CA GLU C 124 25.58 5.20 18.96
C GLU C 124 26.80 4.66 18.23
N VAL C 125 26.69 4.54 16.91
CA VAL C 125 27.86 4.10 16.17
C VAL C 125 28.94 5.17 16.17
N GLY C 126 28.54 6.41 15.92
CA GLY C 126 29.51 7.49 15.91
C GLY C 126 30.09 7.78 17.28
N ILE C 127 29.28 7.64 18.32
CA ILE C 127 29.78 7.82 19.68
C ILE C 127 30.88 6.82 20.03
N ALA C 128 30.66 5.55 19.67
CA ALA C 128 31.61 4.49 19.94
C ALA C 128 32.90 4.70 19.15
N ASP C 129 32.78 5.13 17.88
CA ASP C 129 33.95 5.36 17.05
C ASP C 129 34.81 6.49 17.60
N LEU C 130 34.13 7.53 18.07
CA LEU C 130 34.80 8.72 18.57
C LEU C 130 35.49 8.45 19.90
N LYS C 131 34.87 7.63 20.75
CA LYS C 131 35.52 7.29 22.02
C LYS C 131 36.80 6.51 21.74
N LYS C 132 36.71 5.64 20.73
CA LYS C 132 37.85 4.86 20.28
C LYS C 132 38.95 5.78 19.78
N ASP C 133 38.64 6.56 18.75
CA ASP C 133 39.57 7.51 18.17
C ASP C 133 40.17 8.46 19.19
N LEU C 134 39.47 8.75 20.29
CA LEU C 134 40.03 9.69 21.25
C LEU C 134 40.66 8.99 22.46
N ASN C 135 40.68 7.67 22.44
CA ASN C 135 41.21 6.81 23.48
C ASN C 135 40.59 7.05 24.85
N ILE C 136 39.28 7.19 24.88
CA ILE C 136 38.50 7.36 26.09
C ILE C 136 37.46 6.26 26.28
N GLU C 137 37.49 5.26 25.41
CA GLU C 137 36.52 4.16 25.54
C GLU C 137 36.94 3.17 26.61
N MET D 1 10.07 48.37 2.90
CA MET D 1 8.63 48.49 2.87
C MET D 1 8.03 48.22 4.23
N GLU D 2 6.92 48.89 4.55
CA GLU D 2 6.29 48.56 5.83
C GLU D 2 5.35 47.37 5.64
N LEU D 3 5.22 46.53 6.65
CA LEU D 3 4.38 45.33 6.53
C LEU D 3 2.96 45.61 7.05
N LYS D 4 1.99 45.41 6.20
CA LYS D 4 0.57 45.55 6.43
C LYS D 4 -0.19 44.52 5.62
N ASN D 5 -1.30 44.00 6.12
CA ASN D 5 -2.02 43.06 5.27
C ASN D 5 -2.97 43.81 4.35
N LYS D 6 -2.36 44.45 3.35
CA LYS D 6 -3.13 45.21 2.38
C LYS D 6 -2.55 45.05 0.99
N LYS D 7 -3.44 44.92 0.01
CA LYS D 7 -3.00 44.77 -1.39
C LYS D 7 -2.07 45.90 -1.82
N TRP D 8 -0.94 45.46 -2.39
CA TRP D 8 0.01 46.48 -2.84
C TRP D 8 -0.61 47.24 -4.00
N THR D 9 -0.29 48.54 -4.11
CA THR D 9 -0.81 49.19 -5.32
C THR D 9 0.04 48.76 -6.52
N ASP D 10 -0.47 49.05 -7.70
CA ASP D 10 0.18 48.85 -8.99
C ASP D 10 1.56 49.47 -9.07
N GLU D 11 1.69 50.69 -8.58
CA GLU D 11 2.92 51.46 -8.67
C GLU D 11 4.02 50.88 -7.79
N GLU D 12 3.73 50.65 -6.54
CA GLU D 12 4.31 49.88 -5.47
C GLU D 12 4.95 48.61 -6.05
N PHE D 13 4.05 47.80 -6.62
CA PHE D 13 4.46 46.51 -7.14
C PHE D 13 5.45 46.65 -8.27
N HIS D 14 5.19 47.60 -9.17
CA HIS D 14 6.09 47.80 -10.31
C HIS D 14 7.51 48.17 -9.85
N LYS D 15 7.56 49.06 -8.86
CA LYS D 15 8.87 49.56 -8.43
C LYS D 15 9.63 48.39 -7.80
N GLN D 16 8.95 47.51 -7.08
CA GLN D 16 9.64 46.32 -6.58
C GLN D 16 10.10 45.43 -7.71
N ARG D 17 9.26 45.26 -8.73
CA ARG D 17 9.57 44.38 -9.84
C ARG D 17 10.89 44.80 -10.50
N GLU D 18 11.04 46.10 -10.75
CA GLU D 18 12.23 46.55 -11.47
C GLU D 18 13.49 46.34 -10.64
N GLU D 19 13.35 46.36 -9.32
CA GLU D 19 14.47 45.98 -8.46
C GLU D 19 14.81 44.49 -8.54
N VAL D 20 13.79 43.66 -8.41
CA VAL D 20 13.92 42.21 -8.35
C VAL D 20 14.53 41.62 -9.62
N LEU D 21 14.09 42.11 -10.78
CA LEU D 21 14.53 41.57 -12.05
C LEU D 21 16.03 41.79 -12.27
N GLN D 22 16.64 42.72 -11.54
CA GLN D 22 18.07 42.94 -11.63
C GLN D 22 18.90 41.94 -10.83
N GLN D 23 18.29 41.00 -10.10
CA GLN D 23 19.08 40.17 -9.17
C GLN D 23 19.88 39.07 -9.85
N TRP D 24 19.64 38.82 -11.13
CA TRP D 24 20.43 37.89 -11.94
C TRP D 24 20.17 38.21 -13.41
N PRO D 25 21.14 38.09 -14.31
CA PRO D 25 20.92 38.51 -15.69
C PRO D 25 19.75 37.82 -16.39
N THR D 26 19.28 36.67 -15.90
CA THR D 26 18.12 36.07 -16.57
C THR D 26 16.86 36.87 -16.30
N GLY D 27 16.90 37.79 -15.33
CA GLY D 27 15.74 38.64 -15.10
C GLY D 27 15.38 39.45 -16.33
N LYS D 28 16.34 39.66 -17.22
CA LYS D 28 16.11 40.44 -18.43
C LYS D 28 15.25 39.67 -19.42
N GLU D 29 15.10 38.37 -19.23
CA GLU D 29 14.26 37.56 -20.10
C GLU D 29 12.78 37.72 -19.74
N VAL D 30 12.48 38.35 -18.60
CA VAL D 30 11.08 38.48 -18.22
C VAL D 30 10.48 39.77 -18.79
N ASP D 31 9.48 39.61 -19.63
CA ASP D 31 8.66 40.64 -20.24
C ASP D 31 7.20 40.37 -19.94
N LEU D 32 6.62 41.07 -18.97
CA LEU D 32 5.27 40.84 -18.50
C LEU D 32 4.23 40.84 -19.61
N GLN D 33 4.32 41.79 -20.54
CA GLN D 33 3.31 41.84 -21.60
C GLN D 33 3.44 40.57 -22.44
N GLU D 34 4.69 40.19 -22.69
CA GLU D 34 4.90 39.05 -23.58
C GLU D 34 4.44 37.78 -22.88
N ALA D 35 4.72 37.72 -21.58
CA ALA D 35 4.43 36.53 -20.79
C ALA D 35 2.93 36.28 -20.66
N VAL D 36 2.12 37.34 -20.50
CA VAL D 36 0.67 37.14 -20.45
C VAL D 36 0.17 36.44 -21.71
N ASP D 37 0.68 36.83 -22.87
CA ASP D 37 0.21 36.24 -24.14
C ASP D 37 0.67 34.79 -24.24
N TYR D 38 1.90 34.51 -23.85
CA TYR D 38 2.44 33.16 -23.77
C TYR D 38 1.59 32.29 -22.83
N LEU D 39 1.34 32.78 -21.62
CA LEU D 39 0.54 32.02 -20.66
C LEU D 39 -0.85 31.74 -21.21
N LYS D 40 -1.48 32.71 -21.85
CA LYS D 40 -2.84 32.49 -22.34
C LYS D 40 -2.91 31.53 -23.52
N LYS D 41 -1.80 31.29 -24.20
CA LYS D 41 -1.77 30.27 -25.23
C LYS D 41 -1.52 28.87 -24.71
N ILE D 42 -1.25 28.69 -23.42
CA ILE D 42 -1.14 27.32 -22.91
C ILE D 42 -2.48 26.62 -22.85
N PRO D 43 -2.56 25.40 -23.38
CA PRO D 43 -3.82 24.66 -23.33
C PRO D 43 -4.27 24.35 -21.91
N ALA D 44 -5.59 24.28 -21.76
CA ALA D 44 -6.21 24.10 -20.46
C ALA D 44 -5.68 22.86 -19.74
N GLU D 45 -5.35 21.84 -20.51
CA GLU D 45 -4.78 20.60 -20.01
C GLU D 45 -3.43 20.80 -19.34
N LYS D 46 -2.82 21.95 -19.65
CA LYS D 46 -1.50 22.21 -19.08
C LYS D 46 -1.55 23.39 -18.13
N ASN D 47 -2.78 23.77 -17.78
CA ASN D 47 -2.88 24.86 -16.78
C ASN D 47 -3.23 24.26 -15.42
N PHE D 48 -2.41 24.50 -14.42
CA PHE D 48 -2.55 23.83 -13.13
C PHE D 48 -3.84 24.23 -12.43
N ALA D 49 -4.21 25.50 -12.48
CA ALA D 49 -5.40 25.94 -11.76
C ALA D 49 -6.68 25.34 -12.36
N GLU D 50 -6.68 25.28 -13.69
CA GLU D 50 -7.83 24.76 -14.42
C GLU D 50 -7.97 23.26 -14.22
N LYS D 51 -6.88 22.49 -14.28
CA LYS D 51 -7.03 21.05 -14.02
C LYS D 51 -7.48 20.77 -12.59
N LEU D 52 -7.05 21.59 -11.63
CA LEU D 52 -7.49 21.46 -10.24
C LEU D 52 -9.01 21.63 -10.15
N VAL D 53 -9.53 22.58 -10.93
CA VAL D 53 -10.99 22.76 -10.94
C VAL D 53 -11.66 21.49 -11.46
N LEU D 54 -11.04 20.88 -12.46
CA LEU D 54 -11.54 19.66 -13.08
C LEU D 54 -11.56 18.50 -12.09
N ALA D 55 -10.46 18.35 -11.38
CA ALA D 55 -10.37 17.31 -10.35
C ALA D 55 -11.48 17.44 -9.32
N LYS D 56 -11.65 18.66 -8.84
CA LYS D 56 -12.69 18.95 -7.84
C LYS D 56 -14.06 18.52 -8.36
N LYS D 57 -14.36 19.06 -9.53
CA LYS D 57 -15.62 18.75 -10.19
C LYS D 57 -15.81 17.24 -10.36
N LYS D 58 -14.78 16.47 -10.71
CA LYS D 58 -14.98 15.04 -10.92
C LYS D 58 -14.83 14.22 -9.63
N GLY D 59 -14.52 14.89 -8.53
CA GLY D 59 -14.34 14.13 -7.29
C GLY D 59 -13.18 13.16 -7.37
N ILE D 60 -12.12 13.54 -8.10
CA ILE D 60 -10.97 12.64 -8.10
C ILE D 60 -9.77 13.26 -7.39
N THR D 61 -8.91 12.39 -6.86
CA THR D 61 -7.65 12.74 -6.27
C THR D 61 -6.53 12.63 -7.29
N MET D 62 -5.75 13.68 -7.51
CA MET D 62 -4.69 13.56 -8.53
C MET D 62 -3.31 13.38 -7.94
N ALA D 63 -2.40 12.72 -8.66
CA ALA D 63 -1.10 12.38 -8.11
C ALA D 63 0.07 13.18 -8.70
N GLN D 64 0.98 13.59 -7.82
CA GLN D 64 2.12 14.42 -8.19
C GLN D 64 3.36 14.06 -7.39
N PRO D 65 4.44 13.82 -8.11
CA PRO D 65 5.74 13.50 -7.50
C PRO D 65 6.56 14.74 -7.17
N ARG D 66 7.71 14.54 -6.54
CA ARG D 66 8.80 15.49 -6.40
C ARG D 66 9.90 15.07 -7.39
N ALA D 67 10.57 15.99 -8.05
CA ALA D 67 11.61 15.65 -9.03
C ALA D 67 12.36 16.85 -9.57
N GLY D 68 13.67 16.70 -9.71
CA GLY D 68 14.51 17.76 -10.25
C GLY D 68 15.98 17.44 -10.29
N VAL D 69 16.65 17.81 -11.38
CA VAL D 69 18.10 17.64 -11.54
C VAL D 69 18.75 18.85 -12.20
N ALA D 70 20.07 18.91 -12.14
CA ALA D 70 20.76 20.14 -12.49
C ALA D 70 20.61 20.56 -13.95
N LEU D 71 20.71 19.62 -14.86
CA LEU D 71 20.81 19.96 -16.28
C LEU D 71 19.47 19.89 -17.00
N LEU D 72 19.31 20.79 -17.97
CA LEU D 72 18.04 20.96 -18.64
C LEU D 72 17.52 19.71 -19.34
N ASP D 73 18.31 19.12 -20.22
CA ASP D 73 17.88 17.96 -21.00
C ASP D 73 17.56 16.73 -20.15
N GLU D 74 18.38 16.51 -19.13
CA GLU D 74 18.18 15.41 -18.19
C GLU D 74 16.90 15.60 -17.38
N HIS D 75 16.67 16.84 -16.94
CA HIS D 75 15.45 17.14 -16.19
C HIS D 75 14.21 16.92 -17.04
N ILE D 76 14.31 17.33 -18.31
CA ILE D 76 13.16 17.07 -19.17
C ILE D 76 12.94 15.58 -19.41
N GLU D 77 14.01 14.82 -19.60
CA GLU D 77 13.88 13.38 -19.77
C GLU D 77 13.21 12.73 -18.55
N LEU D 78 13.64 13.17 -17.38
CA LEU D 78 13.05 12.76 -16.12
C LEU D 78 11.55 13.04 -16.03
N LEU D 79 11.15 14.28 -16.27
CA LEU D 79 9.73 14.58 -16.17
C LEU D 79 8.91 13.81 -17.20
N ARG D 80 9.49 13.58 -18.37
CA ARG D 80 8.79 12.81 -19.41
C ARG D 80 8.57 11.37 -18.95
N TYR D 81 9.52 10.83 -18.19
CA TYR D 81 9.37 9.46 -17.72
C TYR D 81 8.25 9.33 -16.68
N LEU D 82 8.18 10.32 -15.79
CA LEU D 82 7.20 10.36 -14.71
C LEU D 82 5.78 10.48 -15.25
N GLN D 83 5.66 11.28 -16.30
CA GLN D 83 4.43 11.49 -17.01
C GLN D 83 4.02 10.22 -17.75
N ASP D 84 4.97 9.71 -18.53
CA ASP D 84 4.63 8.62 -19.44
C ASP D 84 4.66 7.25 -18.78
N GLU D 85 5.75 6.91 -18.12
CA GLU D 85 5.87 5.61 -17.43
C GLU D 85 5.25 5.68 -16.04
N GLY D 86 5.33 6.81 -15.36
CA GLY D 86 4.75 6.95 -14.05
C GLY D 86 3.26 7.15 -14.05
N GLY D 87 2.75 7.90 -15.03
CA GLY D 87 1.34 8.23 -15.11
C GLY D 87 0.95 9.40 -14.23
N ALA D 88 1.89 10.28 -13.92
CA ALA D 88 1.60 11.44 -13.09
C ALA D 88 0.43 12.23 -13.64
N ASP D 89 -0.31 12.88 -12.75
CA ASP D 89 -1.38 13.79 -13.16
C ASP D 89 -0.90 15.23 -13.25
N PHE D 90 0.13 15.56 -12.48
CA PHE D 90 0.73 16.88 -12.44
C PHE D 90 2.24 16.76 -12.29
N LEU D 91 3.00 17.73 -12.80
CA LEU D 91 4.43 17.65 -12.71
C LEU D 91 5.01 18.74 -11.83
N PRO D 92 6.03 18.36 -11.07
CA PRO D 92 6.83 19.33 -10.33
C PRO D 92 8.05 19.77 -11.11
N SER D 93 8.67 20.83 -10.61
CA SER D 93 10.11 20.99 -10.78
C SER D 93 10.64 21.43 -9.41
N THR D 94 11.33 20.50 -8.77
CA THR D 94 11.88 20.71 -7.45
C THR D 94 13.15 21.53 -7.61
N ILE D 95 13.19 22.69 -7.00
CA ILE D 95 14.29 23.64 -7.18
C ILE D 95 15.41 23.30 -6.21
N ASP D 96 16.67 23.39 -6.64
CA ASP D 96 17.81 23.07 -5.78
C ASP D 96 17.94 24.04 -4.62
N ALA D 97 18.65 23.62 -3.56
CA ALA D 97 18.78 24.40 -2.35
C ALA D 97 19.67 25.63 -2.43
N TYR D 98 20.62 25.72 -3.36
CA TYR D 98 21.41 26.95 -3.49
C TYR D 98 20.52 28.08 -4.01
N THR D 99 19.66 27.77 -4.97
CA THR D 99 18.69 28.68 -5.54
C THR D 99 17.83 29.30 -4.44
N ARG D 100 17.46 28.43 -3.52
CA ARG D 100 16.61 28.75 -2.38
C ARG D 100 17.25 29.76 -1.46
N GLN D 101 18.58 29.90 -1.53
CA GLN D 101 19.26 30.90 -0.72
C GLN D 101 19.79 32.01 -1.63
N ASN D 102 19.28 31.98 -2.86
CA ASN D 102 19.64 32.94 -3.89
C ASN D 102 21.14 32.90 -4.21
N ARG D 103 21.74 31.74 -4.16
CA ARG D 103 23.16 31.59 -4.49
C ARG D 103 23.37 31.08 -5.91
N TYR D 104 23.02 31.93 -6.89
CA TYR D 104 23.08 31.57 -8.30
C TYR D 104 24.50 31.27 -8.73
N ASP D 105 25.46 31.81 -7.97
CA ASP D 105 26.87 31.48 -8.13
C ASP D 105 27.11 29.99 -7.87
N GLU D 106 26.58 29.50 -6.76
CA GLU D 106 26.79 28.07 -6.51
C GLU D 106 26.01 27.19 -7.47
N CYS D 107 24.84 27.68 -7.89
CA CYS D 107 24.10 26.88 -8.88
C CYS D 107 24.92 26.66 -10.15
N GLU D 108 25.55 27.75 -10.60
CA GLU D 108 26.41 27.81 -11.77
C GLU D 108 27.52 26.77 -11.68
N ASN D 109 28.20 26.80 -10.53
CA ASN D 109 29.23 25.80 -10.28
C ASN D 109 28.65 24.40 -10.28
N GLY D 110 27.46 24.24 -9.70
CA GLY D 110 26.85 22.92 -9.64
C GLY D 110 26.51 22.34 -10.99
N ILE D 111 26.08 23.20 -11.92
CA ILE D 111 25.78 22.77 -13.29
C ILE D 111 27.04 22.27 -14.00
N LYS D 112 28.15 23.00 -13.88
CA LYS D 112 29.40 22.64 -14.54
C LYS D 112 29.97 21.32 -14.00
N GLU D 113 29.86 21.14 -12.69
CA GLU D 113 30.29 19.90 -12.09
C GLU D 113 29.38 18.75 -12.53
N SER D 114 28.08 19.03 -12.67
CA SER D 114 27.18 17.95 -13.08
C SER D 114 27.46 17.57 -14.52
N GLU D 115 27.83 18.56 -15.33
CA GLU D 115 28.14 18.29 -16.72
C GLU D 115 29.34 17.37 -16.84
N LYS D 116 30.35 17.69 -16.06
CA LYS D 116 31.60 16.95 -16.03
C LYS D 116 31.41 15.56 -15.42
N ALA D 117 30.52 15.43 -14.42
CA ALA D 117 30.44 14.13 -13.77
C ALA D 117 29.45 13.20 -14.45
N GLY D 118 28.60 13.71 -15.33
CA GLY D 118 27.61 12.88 -15.99
C GLY D 118 26.43 12.55 -15.09
N ARG D 119 26.32 13.25 -13.96
CA ARG D 119 25.24 13.03 -13.00
C ARG D 119 24.94 14.33 -12.26
N SER D 120 23.77 14.42 -11.62
CA SER D 120 23.46 15.68 -10.95
C SER D 120 24.14 15.77 -9.59
N LEU D 121 24.89 16.83 -9.38
CA LEU D 121 25.53 17.13 -8.10
C LEU D 121 24.64 18.10 -7.33
N LEU D 122 23.60 18.61 -8.01
CA LEU D 122 22.58 19.44 -7.40
C LEU D 122 21.37 18.66 -6.93
N ASN D 123 20.69 19.09 -5.87
CA ASN D 123 19.52 18.34 -5.43
C ASN D 123 18.21 18.89 -5.99
N GLY D 124 18.32 19.58 -7.12
CA GLY D 124 17.14 20.09 -7.80
C GLY D 124 17.51 20.87 -9.05
N PHE D 125 16.54 21.49 -9.66
CA PHE D 125 16.63 22.27 -10.89
C PHE D 125 16.80 23.75 -10.61
N PRO D 126 17.90 24.32 -11.07
CA PRO D 126 18.20 25.74 -10.86
C PRO D 126 17.52 26.62 -11.89
N GLY D 127 16.24 26.88 -11.61
CA GLY D 127 15.35 27.59 -12.48
C GLY D 127 15.76 29.01 -12.78
N VAL D 128 16.38 29.68 -11.79
CA VAL D 128 16.78 31.06 -12.05
C VAL D 128 17.94 31.08 -13.04
N ASN D 129 18.90 30.20 -12.86
CA ASN D 129 20.04 30.15 -13.78
C ASN D 129 19.63 29.70 -15.18
N PHE D 130 18.63 28.82 -15.25
CA PHE D 130 18.11 28.40 -16.53
C PHE D 130 17.18 29.41 -17.19
N GLY D 131 16.63 30.35 -16.45
CA GLY D 131 15.88 31.45 -17.05
C GLY D 131 14.53 31.04 -17.62
N VAL D 132 13.86 32.06 -18.15
CA VAL D 132 12.58 31.88 -18.83
C VAL D 132 12.72 30.88 -19.98
N LYS D 133 13.83 31.05 -20.69
CA LYS D 133 14.15 30.22 -21.85
C LYS D 133 14.14 28.75 -21.49
N GLY D 134 14.90 28.42 -20.46
CA GLY D 134 15.02 27.06 -19.99
C GLY D 134 13.70 26.54 -19.44
N CYS D 135 13.05 27.40 -18.64
CA CYS D 135 11.78 26.98 -18.05
C CYS D 135 10.72 26.74 -19.13
N ARG D 136 10.77 27.51 -20.22
CA ARG D 136 9.77 27.25 -21.25
C ARG D 136 10.09 25.97 -22.02
N LYS D 137 11.37 25.66 -22.17
CA LYS D 137 11.67 24.41 -22.87
C LYS D 137 11.16 23.22 -22.06
N VAL D 138 11.20 23.34 -20.74
CA VAL D 138 10.67 22.24 -19.95
C VAL D 138 9.18 22.08 -20.18
N LEU D 139 8.49 23.22 -20.15
CA LEU D 139 7.03 23.16 -20.27
C LEU D 139 6.60 22.67 -21.64
N GLU D 140 7.34 23.08 -22.67
CA GLU D 140 6.95 22.70 -24.04
C GLU D 140 7.23 21.23 -24.29
N ALA D 141 8.17 20.64 -23.56
CA ALA D 141 8.49 19.22 -23.72
C ALA D 141 7.53 18.28 -23.02
N VAL D 142 6.67 18.80 -22.13
CA VAL D 142 5.76 17.90 -21.39
C VAL D 142 4.31 18.15 -21.75
N ASN D 143 3.39 17.28 -21.31
CA ASN D 143 1.99 17.46 -21.65
C ASN D 143 1.11 17.60 -20.42
N LEU D 144 1.68 18.00 -19.29
CA LEU D 144 0.94 18.18 -18.04
C LEU D 144 1.26 19.54 -17.42
N PRO D 145 0.40 20.00 -16.52
CA PRO D 145 0.69 21.30 -15.87
C PRO D 145 1.95 21.21 -15.03
N LEU D 146 2.69 22.31 -14.90
CA LEU D 146 3.96 22.44 -14.23
C LEU D 146 3.93 23.41 -13.03
N GLN D 147 4.55 23.00 -11.93
CA GLN D 147 4.61 23.70 -10.66
C GLN D 147 6.00 23.68 -10.03
N ALA D 148 6.47 24.86 -9.65
CA ALA D 148 7.67 24.99 -8.86
C ALA D 148 7.38 24.58 -7.40
N ARG D 149 8.12 23.58 -6.92
CA ARG D 149 8.10 23.05 -5.55
C ARG D 149 9.46 23.26 -4.91
N HIS D 150 9.50 23.92 -3.74
CA HIS D 150 10.82 24.34 -3.26
C HIS D 150 10.82 24.66 -1.78
N GLY D 151 11.31 25.80 -1.31
CA GLY D 151 11.48 26.15 0.08
C GLY D 151 12.43 27.34 0.20
N THR D 152 11.94 28.49 -0.24
CA THR D 152 12.66 29.71 -0.52
C THR D 152 12.07 30.91 0.20
N PRO D 153 12.80 31.43 1.18
CA PRO D 153 12.37 32.67 1.87
C PRO D 153 12.22 33.86 0.93
N ASP D 154 13.14 34.14 0.02
CA ASP D 154 13.01 35.22 -0.96
C ASP D 154 12.92 34.59 -2.34
N SER D 155 11.71 34.35 -2.79
CA SER D 155 11.36 33.68 -4.03
C SER D 155 10.89 34.62 -5.14
N ARG D 156 11.20 35.92 -5.02
CA ARG D 156 10.60 36.90 -5.94
C ARG D 156 11.07 36.74 -7.36
N LEU D 157 12.38 36.73 -7.59
CA LEU D 157 12.89 36.48 -8.94
C LEU D 157 12.47 35.12 -9.47
N LEU D 158 12.62 34.07 -8.66
CA LEU D 158 12.22 32.73 -9.06
C LEU D 158 10.80 32.66 -9.62
N ALA D 159 9.88 33.34 -8.93
CA ALA D 159 8.49 33.43 -9.29
C ALA D 159 8.31 34.11 -10.65
N GLU D 160 9.00 35.25 -10.80
CA GLU D 160 8.88 35.97 -12.06
C GLU D 160 9.29 35.05 -13.22
N ILE D 161 10.41 34.36 -13.02
CA ILE D 161 10.93 33.52 -14.11
C ILE D 161 10.12 32.27 -14.40
N ILE D 162 9.69 31.52 -13.40
CA ILE D 162 8.96 30.28 -13.69
C ILE D 162 7.57 30.56 -14.23
N HIS D 163 6.93 31.62 -13.73
CA HIS D 163 5.61 31.99 -14.24
C HIS D 163 5.69 32.52 -15.67
N ALA D 164 6.68 33.35 -15.95
CA ALA D 164 6.90 33.83 -17.32
C ALA D 164 7.31 32.63 -18.18
N GLY D 165 7.90 31.66 -17.52
CA GLY D 165 8.24 30.37 -18.04
C GLY D 165 7.06 29.45 -18.32
N GLY D 166 5.84 29.85 -17.96
CA GLY D 166 4.68 29.06 -18.29
C GLY D 166 4.30 28.05 -17.22
N TRP D 167 5.00 28.12 -16.10
CA TRP D 167 4.65 27.25 -14.97
C TRP D 167 3.47 27.90 -14.25
N THR D 168 2.34 27.21 -14.15
CA THR D 168 1.09 27.81 -13.73
C THR D 168 0.71 27.48 -12.29
N SER D 169 1.72 27.17 -11.47
CA SER D 169 1.53 27.08 -10.04
C SER D 169 2.88 27.37 -9.35
N ASN D 170 2.82 28.02 -8.20
CA ASN D 170 3.96 28.20 -7.32
C ASN D 170 3.61 27.82 -5.88
N GLU D 171 4.39 26.92 -5.31
CA GLU D 171 4.28 26.47 -3.92
C GLU D 171 4.97 27.44 -2.97
N GLY D 172 4.44 27.61 -1.76
CA GLY D 172 5.15 28.37 -0.75
C GLY D 172 4.30 29.34 0.03
N GLY D 173 4.92 30.04 0.98
CA GLY D 173 4.27 31.00 1.84
C GLY D 173 5.31 31.70 2.71
N GLY D 174 4.95 32.84 3.31
CA GLY D 174 5.85 33.65 4.10
C GLY D 174 6.25 32.99 5.40
N ILE D 175 5.42 32.03 5.83
CA ILE D 175 5.73 31.27 7.03
C ILE D 175 6.32 29.92 6.68
N SER D 176 5.64 29.23 5.77
CA SER D 176 5.99 27.85 5.48
C SER D 176 7.29 27.72 4.68
N TYR D 177 7.69 28.75 3.94
CA TYR D 177 8.97 28.69 3.23
C TYR D 177 9.99 29.57 3.92
N ASN D 178 9.74 29.87 5.20
CA ASN D 178 10.75 30.42 6.09
C ASN D 178 11.10 29.43 7.20
N VAL D 179 10.19 29.24 8.17
CA VAL D 179 10.58 28.55 9.39
C VAL D 179 11.18 27.16 9.21
N PRO D 180 10.70 26.29 8.34
CA PRO D 180 11.34 24.97 8.16
C PRO D 180 12.64 25.01 7.36
N TYR D 181 12.94 26.12 6.71
CA TYR D 181 14.01 26.20 5.72
C TYR D 181 15.13 27.21 6.00
N ALA D 182 14.96 28.13 6.94
CA ALA D 182 15.88 29.23 7.18
C ALA D 182 16.23 29.40 8.66
N LYS D 183 17.40 29.97 8.95
CA LYS D 183 17.81 30.23 10.31
C LYS D 183 17.74 31.70 10.71
N ASN D 184 18.08 32.57 9.76
CA ASN D 184 18.33 33.98 10.00
C ASN D 184 17.38 34.94 9.27
N VAL D 185 16.29 34.49 8.70
CA VAL D 185 15.37 35.37 7.99
C VAL D 185 14.22 35.81 8.89
N THR D 186 13.97 37.12 9.06
CA THR D 186 12.86 37.52 9.91
C THR D 186 11.51 37.12 9.33
N ILE D 187 10.52 36.91 10.18
CA ILE D 187 9.17 36.63 9.69
C ILE D 187 8.63 37.83 8.92
N GLU D 188 9.02 39.05 9.30
CA GLU D 188 8.53 40.21 8.56
C GLU D 188 9.02 40.26 7.12
N LYS D 189 10.30 39.94 6.91
CA LYS D 189 10.84 40.01 5.56
C LYS D 189 10.32 38.90 4.67
N SER D 190 10.21 37.67 5.14
CA SER D 190 9.64 36.60 4.30
C SER D 190 8.17 36.83 4.02
N LEU D 191 7.43 37.42 4.96
CA LEU D 191 6.04 37.77 4.71
C LEU D 191 5.94 38.84 3.62
N LEU D 192 6.83 39.83 3.71
CA LEU D 192 6.88 40.90 2.72
C LEU D 192 7.25 40.36 1.35
N ASP D 193 8.26 39.50 1.30
CA ASP D 193 8.69 38.93 0.03
C ASP D 193 7.64 37.96 -0.50
N TRP D 194 6.89 37.29 0.38
CA TRP D 194 5.85 36.43 -0.21
C TRP D 194 4.64 37.24 -0.60
N GLN D 195 4.51 38.48 -0.12
CA GLN D 195 3.44 39.34 -0.59
C GLN D 195 3.65 39.63 -2.07
N TYR D 196 4.93 39.82 -2.40
CA TYR D 196 5.33 39.99 -3.81
C TYR D 196 4.82 38.80 -4.60
N CYS D 197 5.20 37.59 -4.17
CA CYS D 197 4.87 36.42 -4.96
C CYS D 197 3.37 36.28 -5.20
N ASP D 198 2.59 36.59 -4.17
CA ASP D 198 1.14 36.54 -4.24
C ASP D 198 0.61 37.66 -5.13
N ARG D 199 1.20 38.85 -5.01
CA ARG D 199 0.77 40.00 -5.79
C ARG D 199 1.08 39.85 -7.28
N LEU D 200 2.10 39.07 -7.60
CA LEU D 200 2.39 38.76 -9.01
C LEU D 200 1.28 37.91 -9.58
N VAL D 201 0.92 36.87 -8.83
CA VAL D 201 -0.24 36.06 -9.26
C VAL D 201 -1.47 36.93 -9.34
N GLY D 202 -1.65 37.86 -8.42
CA GLY D 202 -2.79 38.76 -8.46
C GLY D 202 -2.82 39.60 -9.73
N PHE D 203 -1.66 40.08 -10.18
CA PHE D 203 -1.55 40.77 -11.45
C PHE D 203 -2.05 39.88 -12.58
N TYR D 204 -1.51 38.67 -12.59
CA TYR D 204 -1.82 37.74 -13.68
C TYR D 204 -3.31 37.45 -13.71
N GLU D 205 -3.87 37.22 -12.51
CA GLU D 205 -5.31 36.94 -12.50
C GLU D 205 -6.09 38.15 -12.99
N GLU D 206 -5.60 39.35 -12.71
CA GLU D 206 -6.32 40.54 -13.17
C GLU D 206 -6.26 40.66 -14.68
N GLN D 207 -5.32 39.99 -15.31
CA GLN D 207 -5.25 39.94 -16.77
C GLN D 207 -6.00 38.74 -17.34
N GLY D 208 -6.67 37.92 -16.54
CA GLY D 208 -7.38 36.77 -17.09
C GLY D 208 -6.53 35.50 -17.07
N VAL D 209 -5.35 35.57 -16.47
CA VAL D 209 -4.48 34.39 -16.43
C VAL D 209 -4.60 33.68 -15.08
N HIS D 210 -4.94 32.40 -15.11
CA HIS D 210 -5.18 31.62 -13.90
C HIS D 210 -3.94 30.84 -13.48
N ILE D 211 -3.52 31.10 -12.25
CA ILE D 211 -2.30 30.55 -11.68
C ILE D 211 -2.57 30.16 -10.22
N ASN D 212 -2.22 28.91 -9.91
CA ASN D 212 -2.38 28.33 -8.59
C ASN D 212 -1.29 28.70 -7.61
N ARG D 213 -1.67 28.81 -6.34
CA ARG D 213 -0.74 28.98 -5.23
C ARG D 213 -1.02 27.94 -4.15
N GLU D 214 0.04 27.34 -3.61
CA GLU D 214 -0.01 26.25 -2.65
C GLU D 214 0.88 26.47 -1.43
N PRO D 215 0.30 26.97 -0.34
CA PRO D 215 1.01 27.03 0.94
C PRO D 215 1.52 25.65 1.31
N PHE D 216 2.68 25.58 1.93
CA PHE D 216 3.36 24.31 2.23
C PHE D 216 2.93 23.79 3.59
N GLY D 217 1.91 22.95 3.63
CA GLY D 217 1.32 22.44 4.83
C GLY D 217 2.21 21.74 5.83
N PRO D 218 2.92 20.69 5.45
CA PRO D 218 3.71 19.85 6.35
C PRO D 218 4.83 20.53 7.11
N LEU D 219 5.29 21.69 6.70
CA LEU D 219 6.36 22.40 7.41
C LEU D 219 7.57 21.52 7.68
N THR D 220 7.92 21.17 8.91
CA THR D 220 9.12 20.40 9.20
C THR D 220 8.92 18.89 9.02
N GLY D 221 7.73 18.46 8.65
CA GLY D 221 7.34 17.10 8.42
C GLY D 221 7.49 16.20 9.62
N THR D 222 7.64 16.75 10.82
CA THR D 222 7.96 15.98 12.01
C THR D 222 7.01 16.29 13.16
N LEU D 223 6.02 15.42 13.32
CA LEU D 223 5.02 15.48 14.38
C LEU D 223 4.36 16.84 14.52
N VAL D 224 3.87 17.44 13.40
CA VAL D 224 3.20 18.73 13.54
C VAL D 224 1.71 18.56 13.86
N PRO D 225 1.23 19.06 15.00
CA PRO D 225 -0.19 18.92 15.35
C PRO D 225 -1.07 19.58 14.28
N PRO D 226 -2.13 18.91 13.89
CA PRO D 226 -3.02 19.44 12.84
C PRO D 226 -3.43 20.88 13.06
N SER D 227 -3.70 21.26 14.30
CA SER D 227 -4.21 22.62 14.49
C SER D 227 -3.10 23.64 14.24
N MET D 228 -1.85 23.31 14.57
CA MET D 228 -0.81 24.31 14.30
C MET D 228 -0.57 24.41 12.79
N SER D 229 -0.51 23.27 12.12
CA SER D 229 -0.33 23.20 10.67
C SER D 229 -1.42 23.96 9.90
N ASN D 230 -2.68 23.71 10.27
CA ASN D 230 -3.84 24.34 9.67
C ASN D 230 -3.90 25.84 9.90
N ALA D 231 -3.46 26.32 11.06
CA ALA D 231 -3.45 27.76 11.30
C ALA D 231 -2.47 28.44 10.36
N VAL D 232 -1.34 27.76 10.12
CA VAL D 232 -0.40 28.34 9.15
C VAL D 232 -1.01 28.44 7.75
N GLY D 233 -1.58 27.35 7.25
CA GLY D 233 -2.15 27.35 5.92
C GLY D 233 -3.32 28.31 5.76
N ILE D 234 -4.21 28.34 6.75
CA ILE D 234 -5.31 29.30 6.67
C ILE D 234 -4.75 30.72 6.59
N THR D 235 -3.75 31.00 7.43
CA THR D 235 -3.10 32.31 7.42
C THR D 235 -2.50 32.64 6.05
N GLU D 236 -1.78 31.69 5.46
CA GLU D 236 -1.14 31.96 4.17
C GLU D 236 -2.18 32.13 3.08
N ALA D 237 -3.30 31.40 3.22
CA ALA D 237 -4.37 31.56 2.24
C ALA D 237 -4.97 32.95 2.31
N LEU D 238 -5.18 33.44 3.54
CA LEU D 238 -5.74 34.78 3.69
C LEU D 238 -4.75 35.83 3.18
N LEU D 239 -3.45 35.65 3.47
CA LEU D 239 -2.50 36.69 3.06
C LEU D 239 -2.34 36.72 1.55
N ALA D 240 -2.51 35.56 0.91
CA ALA D 240 -2.49 35.47 -0.54
C ALA D 240 -3.73 36.11 -1.15
N ALA D 241 -4.88 35.80 -0.55
CA ALA D 241 -6.10 36.35 -1.13
C ALA D 241 -6.07 37.87 -1.10
N GLU D 242 -5.39 38.46 -0.11
CA GLU D 242 -5.40 39.92 -0.02
C GLU D 242 -4.64 40.55 -1.20
N GLN D 243 -3.67 39.83 -1.77
CA GLN D 243 -2.92 40.36 -2.89
C GLN D 243 -3.52 39.99 -4.26
N GLY D 244 -4.66 39.32 -4.29
CA GLY D 244 -5.44 39.02 -5.45
C GLY D 244 -5.40 37.59 -5.95
N VAL D 245 -4.86 36.65 -5.17
CA VAL D 245 -4.81 35.25 -5.58
C VAL D 245 -6.22 34.68 -5.55
N LYS D 246 -6.58 33.85 -6.53
CA LYS D 246 -7.94 33.33 -6.62
C LYS D 246 -8.02 31.80 -6.66
N ASN D 247 -6.92 31.10 -6.88
CA ASN D 247 -6.87 29.65 -6.94
C ASN D 247 -5.83 29.13 -5.95
N ILE D 248 -6.29 28.53 -4.86
CA ILE D 248 -5.41 28.17 -3.75
C ILE D 248 -5.58 26.73 -3.32
N THR D 249 -4.46 26.03 -3.17
CA THR D 249 -4.47 24.66 -2.67
C THR D 249 -3.85 24.69 -1.28
N VAL D 250 -4.64 24.45 -0.24
CA VAL D 250 -4.06 24.35 1.11
C VAL D 250 -3.66 22.90 1.37
N GLY D 251 -2.55 22.73 2.07
CA GLY D 251 -1.97 21.41 2.29
C GLY D 251 -1.86 20.98 3.73
N TYR D 252 -1.70 19.67 3.87
CA TYR D 252 -1.51 19.01 5.17
C TYR D 252 -0.63 17.78 5.06
N GLY D 253 0.22 17.59 6.06
CA GLY D 253 1.05 16.39 6.07
C GLY D 253 0.54 15.30 6.98
N GLU D 254 0.51 14.08 6.43
CA GLU D 254 0.07 12.88 7.14
C GLU D 254 0.69 12.79 8.54
N CYS D 255 -0.18 12.61 9.52
CA CYS D 255 0.31 12.23 10.84
C CYS D 255 0.24 10.73 11.04
N GLY D 256 -0.70 10.01 10.44
CA GLY D 256 -0.77 8.57 10.39
C GLY D 256 -2.00 7.91 10.95
N ASN D 257 -2.68 8.55 11.90
CA ASN D 257 -4.00 8.10 12.35
C ASN D 257 -5.02 8.55 11.30
N MET D 258 -5.68 7.60 10.64
CA MET D 258 -6.56 7.96 9.54
C MET D 258 -7.65 8.96 9.95
N ILE D 259 -8.30 8.69 11.09
CA ILE D 259 -9.36 9.59 11.50
C ILE D 259 -8.79 10.97 11.82
N GLN D 260 -7.63 11.03 12.48
CA GLN D 260 -7.07 12.35 12.73
C GLN D 260 -6.74 13.10 11.43
N ASP D 261 -6.14 12.37 10.49
CA ASP D 261 -5.73 12.99 9.24
C ASP D 261 -6.91 13.45 8.38
N ILE D 262 -7.98 12.64 8.38
CA ILE D 262 -9.14 13.08 7.59
C ILE D 262 -9.83 14.25 8.26
N ALA D 263 -9.89 14.24 9.58
CA ALA D 263 -10.41 15.39 10.32
C ALA D 263 -9.64 16.65 9.95
N ALA D 264 -8.31 16.52 9.91
CA ALA D 264 -7.45 17.67 9.65
C ALA D 264 -7.67 18.26 8.27
N LEU D 265 -7.75 17.34 7.29
CA LEU D 265 -7.93 17.83 5.91
C LEU D 265 -9.28 18.49 5.74
N ARG D 266 -10.30 17.93 6.39
CA ARG D 266 -11.63 18.54 6.24
C ARG D 266 -11.69 19.86 7.00
N CYS D 267 -11.18 19.86 8.24
CA CYS D 267 -11.17 21.12 8.99
C CYS D 267 -10.39 22.20 8.23
N LEU D 268 -9.29 21.80 7.59
CA LEU D 268 -8.45 22.74 6.86
C LEU D 268 -9.26 23.36 5.73
N GLU D 269 -9.92 22.48 4.98
CA GLU D 269 -10.69 22.99 3.86
C GLU D 269 -11.85 23.86 4.34
N GLU D 270 -12.62 23.34 5.30
CA GLU D 270 -13.80 24.04 5.81
C GLU D 270 -13.43 25.39 6.42
N GLN D 271 -12.42 25.43 7.28
CA GLN D 271 -12.06 26.71 7.90
C GLN D 271 -11.37 27.63 6.91
N THR D 272 -10.66 27.11 5.91
CA THR D 272 -10.08 28.03 4.91
C THR D 272 -11.21 28.79 4.20
N ASN D 273 -12.21 28.08 3.71
CA ASN D 273 -13.36 28.68 3.05
C ASN D 273 -14.10 29.67 3.94
N GLU D 274 -14.35 29.25 5.17
CA GLU D 274 -15.06 30.08 6.14
C GLU D 274 -14.36 31.41 6.39
N TYR D 275 -13.07 31.32 6.71
CA TYR D 275 -12.28 32.52 6.97
C TYR D 275 -12.23 33.43 5.75
N LEU D 276 -12.02 32.82 4.58
CA LEU D 276 -11.98 33.63 3.36
C LEU D 276 -13.26 34.45 3.23
N LYS D 277 -14.39 33.77 3.36
CA LYS D 277 -15.67 34.46 3.23
C LYS D 277 -15.92 35.45 4.36
N ALA D 278 -15.48 35.17 5.57
CA ALA D 278 -15.66 36.09 6.69
C ALA D 278 -14.91 37.42 6.51
N TYR D 279 -13.84 37.35 5.73
CA TYR D 279 -13.02 38.52 5.47
C TYR D 279 -13.28 39.07 4.08
N GLY D 280 -14.35 38.59 3.44
CA GLY D 280 -14.79 39.14 2.18
C GLY D 280 -14.18 38.66 0.88
N TYR D 281 -13.37 37.60 0.92
CA TYR D 281 -12.84 37.01 -0.31
C TYR D 281 -13.81 35.94 -0.79
N ASN D 282 -14.62 36.31 -1.77
CA ASN D 282 -15.80 35.53 -2.14
C ASN D 282 -15.65 34.81 -3.47
N ASP D 283 -14.49 34.95 -4.11
CA ASP D 283 -14.29 34.33 -5.41
C ASP D 283 -13.00 33.54 -5.51
N VAL D 284 -12.62 32.90 -4.41
CA VAL D 284 -11.41 32.08 -4.31
C VAL D 284 -11.77 30.61 -4.42
N PHE D 285 -11.15 29.91 -5.38
CA PHE D 285 -11.41 28.48 -5.54
C PHE D 285 -10.44 27.66 -4.70
N VAL D 286 -10.95 26.96 -3.69
CA VAL D 286 -10.06 26.24 -2.77
C VAL D 286 -10.01 24.72 -3.02
N THR D 287 -8.80 24.19 -3.10
CA THR D 287 -8.51 22.77 -3.16
C THR D 287 -7.54 22.38 -2.05
N THR D 288 -7.29 21.09 -1.93
CA THR D 288 -6.51 20.47 -0.90
C THR D 288 -5.47 19.50 -1.50
N VAL D 289 -4.35 19.49 -0.81
CA VAL D 289 -3.26 18.56 -1.05
C VAL D 289 -2.90 17.85 0.26
N PHE D 290 -2.83 16.53 0.17
CA PHE D 290 -2.39 15.61 1.21
C PHE D 290 -1.01 15.07 0.88
N HIS D 291 -0.01 15.32 1.71
CA HIS D 291 1.32 14.77 1.46
C HIS D 291 1.50 13.45 2.19
N GLN D 292 1.90 12.41 1.47
CA GLN D 292 2.31 11.16 2.08
C GLN D 292 3.46 11.42 3.07
N TRP D 293 3.50 10.60 4.10
CA TRP D 293 4.40 10.65 5.24
C TRP D 293 5.70 11.40 4.98
N MET D 294 5.86 12.54 5.64
CA MET D 294 6.99 13.42 5.40
C MET D 294 8.11 13.22 6.41
N GLY D 295 7.93 12.21 7.26
CA GLY D 295 8.97 11.90 8.22
C GLY D 295 9.95 10.85 7.71
N GLY D 296 10.80 10.36 8.62
CA GLY D 296 11.77 9.34 8.26
C GLY D 296 11.07 8.08 7.74
N PHE D 297 11.58 7.54 6.65
CA PHE D 297 11.10 6.32 6.01
C PHE D 297 11.95 5.11 6.37
N PRO D 298 11.35 3.93 6.28
CA PRO D 298 12.12 2.69 6.34
C PRO D 298 12.97 2.50 5.08
N GLN D 299 14.14 1.90 5.28
CA GLN D 299 15.03 1.68 4.13
C GLN D 299 14.51 0.54 3.28
N ASP D 300 13.85 -0.43 3.90
CA ASP D 300 13.35 -1.56 3.10
C ASP D 300 12.26 -1.09 2.15
N GLU D 301 12.46 -1.35 0.87
CA GLU D 301 11.61 -0.84 -0.20
C GLU D 301 10.19 -1.39 -0.14
N SER D 302 10.00 -2.62 0.32
CA SER D 302 8.67 -3.20 0.48
C SER D 302 7.94 -2.48 1.61
N LYS D 303 8.65 -2.28 2.71
CA LYS D 303 8.09 -1.49 3.81
C LYS D 303 7.73 -0.09 3.35
N ALA D 304 8.56 0.50 2.49
CA ALA D 304 8.31 1.85 1.99
C ALA D 304 7.00 1.86 1.21
N PHE D 305 6.77 0.86 0.38
CA PHE D 305 5.47 0.77 -0.30
C PHE D 305 4.35 0.68 0.74
N GLY D 306 4.61 0.02 1.87
CA GLY D 306 3.55 -0.02 2.89
C GLY D 306 3.18 1.36 3.38
N VAL D 307 4.17 2.23 3.53
CA VAL D 307 3.90 3.61 3.95
C VAL D 307 3.21 4.40 2.85
N ILE D 308 3.75 4.30 1.63
CA ILE D 308 3.23 5.03 0.49
C ILE D 308 1.76 4.73 0.26
N VAL D 309 1.38 3.46 0.34
CA VAL D 309 0.02 3.12 -0.08
C VAL D 309 -0.98 3.28 1.05
N THR D 310 -0.55 3.09 2.31
CA THR D 310 -1.49 3.39 3.40
C THR D 310 -1.79 4.89 3.37
N ALA D 311 -0.75 5.69 3.12
CA ALA D 311 -0.93 7.14 3.11
C ALA D 311 -1.89 7.57 1.99
N THR D 312 -1.75 6.94 0.83
CA THR D 312 -2.66 7.20 -0.30
C THR D 312 -4.11 6.87 0.04
N THR D 313 -4.35 5.77 0.73
CA THR D 313 -5.69 5.33 1.17
C THR D 313 -6.33 6.43 2.00
N ILE D 314 -5.56 6.96 2.97
CA ILE D 314 -6.04 8.04 3.81
C ILE D 314 -6.41 9.24 2.96
N ALA D 315 -5.55 9.62 2.01
CA ALA D 315 -5.81 10.77 1.16
C ALA D 315 -7.10 10.61 0.36
N ALA D 316 -7.26 9.39 -0.15
CA ALA D 316 -8.39 9.13 -1.02
C ALA D 316 -9.70 9.22 -0.24
N LEU D 317 -9.74 8.60 0.93
CA LEU D 317 -10.96 8.60 1.73
C LEU D 317 -11.23 9.99 2.32
N ALA D 318 -10.17 10.79 2.43
CA ALA D 318 -10.33 12.16 2.89
C ALA D 318 -10.92 13.09 1.83
N GLY D 319 -10.91 12.67 0.58
CA GLY D 319 -11.38 13.49 -0.53
C GLY D 319 -10.36 14.53 -0.97
N ALA D 320 -9.08 14.29 -0.77
CA ALA D 320 -8.06 15.24 -1.19
C ALA D 320 -8.07 15.46 -2.69
N THR D 321 -7.81 16.72 -3.08
CA THR D 321 -7.77 17.03 -4.51
C THR D 321 -6.48 16.50 -5.13
N LYS D 322 -5.43 16.54 -4.32
CA LYS D 322 -4.10 16.14 -4.76
C LYS D 322 -3.36 15.39 -3.66
N VAL D 323 -2.46 14.49 -4.05
CA VAL D 323 -1.58 13.76 -3.16
C VAL D 323 -0.15 13.78 -3.72
N ILE D 324 0.81 14.09 -2.85
CA ILE D 324 2.21 14.11 -3.23
C ILE D 324 2.87 12.76 -2.91
N VAL D 325 3.51 12.21 -3.93
CA VAL D 325 4.06 10.87 -3.93
C VAL D 325 5.46 10.76 -3.35
N LYS D 326 5.65 9.83 -2.44
CA LYS D 326 6.94 9.35 -1.94
C LYS D 326 7.36 8.11 -2.72
N THR D 327 8.62 7.73 -2.61
CA THR D 327 9.22 6.64 -3.38
C THR D 327 9.94 5.66 -2.47
N PRO D 328 10.16 4.43 -2.94
CA PRO D 328 10.91 3.47 -2.14
C PRO D 328 12.36 3.86 -1.86
N HIS D 329 12.95 4.83 -2.52
CA HIS D 329 14.27 5.39 -2.23
C HIS D 329 14.30 6.48 -1.17
N GLU D 330 13.18 6.85 -0.56
CA GLU D 330 13.13 7.99 0.37
C GLU D 330 14.17 7.94 1.48
N ALA D 331 14.41 6.80 2.12
CA ALA D 331 15.37 6.85 3.22
C ALA D 331 16.81 7.05 2.76
N ILE D 332 17.08 6.88 1.48
CA ILE D 332 18.45 6.78 0.99
C ILE D 332 18.89 8.01 0.20
N GLY D 333 18.19 8.29 -0.89
CA GLY D 333 18.55 9.45 -1.68
C GLY D 333 17.48 9.79 -2.69
N ILE D 334 17.67 10.92 -3.38
CA ILE D 334 16.76 11.34 -4.45
C ILE D 334 16.59 10.19 -5.44
N PRO D 335 15.32 9.87 -5.68
CA PRO D 335 14.98 8.67 -6.44
C PRO D 335 15.42 8.75 -7.89
N THR D 336 15.84 7.60 -8.44
CA THR D 336 15.96 7.50 -9.88
C THR D 336 14.57 7.64 -10.49
N LYS D 337 14.54 7.84 -11.80
CA LYS D 337 13.23 7.94 -12.47
C LYS D 337 12.41 6.69 -12.24
N GLU D 338 13.03 5.52 -12.21
CA GLU D 338 12.36 4.24 -12.04
C GLU D 338 11.63 4.07 -10.71
N ALA D 339 12.26 4.37 -9.59
CA ALA D 339 11.82 4.37 -8.22
C ALA D 339 10.71 5.40 -8.05
N ASN D 340 10.88 6.58 -8.64
CA ASN D 340 9.83 7.59 -8.67
C ASN D 340 8.58 7.11 -9.40
N ALA D 341 8.78 6.64 -10.62
CA ALA D 341 7.66 6.05 -11.34
C ALA D 341 7.02 4.91 -10.55
N ALA D 342 7.82 4.17 -9.79
CA ALA D 342 7.27 3.07 -9.01
C ALA D 342 6.31 3.60 -7.95
N GLY D 343 6.73 4.67 -7.28
CA GLY D 343 5.92 5.30 -6.26
C GLY D 343 4.65 5.89 -6.84
N ILE D 344 4.77 6.46 -8.04
CA ILE D 344 3.59 7.04 -8.67
C ILE D 344 2.59 5.96 -9.07
N LYS D 345 3.09 4.84 -9.60
CA LYS D 345 2.23 3.74 -10.04
C LYS D 345 1.50 3.08 -8.89
N ALA D 346 2.19 2.89 -7.76
CA ALA D 346 1.56 2.31 -6.57
C ALA D 346 0.46 3.23 -6.03
N THR D 347 0.80 4.51 -6.00
CA THR D 347 -0.12 5.56 -5.55
C THR D 347 -1.36 5.58 -6.43
N LYS D 348 -1.18 5.66 -7.73
CA LYS D 348 -2.34 5.76 -8.62
C LYS D 348 -3.14 4.47 -8.61
N MET D 349 -2.50 3.33 -8.40
CA MET D 349 -3.29 2.09 -8.32
C MET D 349 -4.23 2.14 -7.11
N ALA D 350 -3.67 2.60 -6.00
CA ALA D 350 -4.42 2.70 -4.76
C ALA D 350 -5.63 3.61 -4.94
N LEU D 351 -5.40 4.78 -5.54
CA LEU D 351 -6.48 5.72 -5.82
C LEU D 351 -7.56 5.07 -6.69
N ASN D 352 -7.15 4.36 -7.73
CA ASN D 352 -8.15 3.77 -8.62
C ASN D 352 -8.84 2.57 -7.98
N MET D 353 -8.14 1.98 -6.99
CA MET D 353 -8.76 0.88 -6.26
C MET D 353 -9.81 1.41 -5.27
N LEU D 354 -9.82 2.73 -5.09
CA LEU D 354 -10.72 3.37 -4.12
C LEU D 354 -11.62 4.43 -4.77
N GLU D 355 -11.82 4.33 -6.08
CA GLU D 355 -12.56 5.32 -6.85
C GLU D 355 -13.91 5.66 -6.19
N GLY D 356 -14.09 6.94 -5.90
CA GLY D 356 -15.26 7.56 -5.35
C GLY D 356 -15.51 7.25 -3.89
N GLN D 357 -14.65 6.45 -3.27
CA GLN D 357 -14.87 6.10 -1.86
C GLN D 357 -14.41 7.22 -0.93
N ARG D 358 -15.24 7.48 0.07
CA ARG D 358 -15.00 8.49 1.10
C ARG D 358 -15.31 7.92 2.48
N MET D 359 -14.57 8.39 3.48
CA MET D 359 -14.84 8.05 4.86
C MET D 359 -16.17 8.68 5.27
N PRO D 360 -17.14 7.92 5.75
CA PRO D 360 -18.41 8.51 6.17
C PRO D 360 -18.29 9.13 7.56
N MET D 361 -19.24 10.01 7.87
CA MET D 361 -19.25 10.69 9.16
C MET D 361 -19.50 9.68 10.28
N SER D 362 -18.81 9.89 11.39
CA SER D 362 -19.00 9.20 12.65
C SER D 362 -18.84 10.16 13.82
N LYS D 363 -19.23 9.70 14.99
CA LYS D 363 -19.07 10.42 16.24
C LYS D 363 -17.60 10.72 16.49
N GLU D 364 -16.75 9.74 16.20
CA GLU D 364 -15.31 9.90 16.40
C GLU D 364 -14.68 11.02 15.60
N LEU D 365 -15.00 11.11 14.33
CA LEU D 365 -14.55 12.07 13.36
C LEU D 365 -15.12 13.45 13.72
N GLU D 366 -16.39 13.43 14.10
CA GLU D 366 -17.09 14.60 14.61
C GLU D 366 -16.34 15.23 15.78
N THR D 367 -16.02 14.37 16.74
CA THR D 367 -15.29 14.85 17.91
C THR D 367 -13.92 15.38 17.55
N GLU D 368 -13.13 14.66 16.76
CA GLU D 368 -11.79 15.16 16.42
C GLU D 368 -11.85 16.42 15.59
N MET D 369 -12.85 16.53 14.71
CA MET D 369 -12.96 17.76 13.93
C MET D 369 -13.23 18.95 14.85
N ALA D 370 -14.09 18.73 15.84
CA ALA D 370 -14.44 19.76 16.81
C ALA D 370 -13.21 20.21 17.59
N VAL D 371 -12.37 19.26 17.98
CA VAL D 371 -11.17 19.59 18.72
C VAL D 371 -10.20 20.41 17.87
N ILE D 372 -9.99 19.97 16.64
CA ILE D 372 -9.05 20.67 15.75
C ILE D 372 -9.55 22.07 15.40
N LYS D 373 -10.84 22.21 15.12
CA LYS D 373 -11.33 23.57 14.80
C LYS D 373 -11.15 24.52 15.98
N ALA D 374 -11.41 24.02 17.20
CA ALA D 374 -11.30 24.88 18.38
C ALA D 374 -9.86 25.24 18.73
N GLU D 375 -8.95 24.28 18.57
CA GLU D 375 -7.54 24.58 18.77
C GLU D 375 -7.11 25.63 17.76
N THR D 376 -7.44 25.38 16.50
CA THR D 376 -7.04 26.27 15.41
C THR D 376 -7.55 27.69 15.64
N LYS D 377 -8.80 27.81 16.07
CA LYS D 377 -9.40 29.11 16.34
C LYS D 377 -8.74 29.86 17.51
N CYS D 378 -8.23 29.13 18.50
CA CYS D 378 -7.50 29.75 19.58
C CYS D 378 -6.30 30.52 19.05
N ILE D 379 -5.57 29.84 18.17
CA ILE D 379 -4.36 30.42 17.58
C ILE D 379 -4.67 31.59 16.68
N LEU D 380 -5.61 31.44 15.74
CA LEU D 380 -5.97 32.53 14.85
C LEU D 380 -6.55 33.74 15.58
N ASP D 381 -7.44 33.50 16.54
CA ASP D 381 -8.01 34.58 17.33
C ASP D 381 -6.92 35.40 18.00
N LYS D 382 -5.94 34.71 18.59
CA LYS D 382 -4.89 35.44 19.29
C LYS D 382 -4.02 36.25 18.32
N MET D 383 -3.76 35.68 17.14
CA MET D 383 -3.01 36.35 16.10
C MET D 383 -3.70 37.65 15.68
N PHE D 384 -5.01 37.61 15.44
CA PHE D 384 -5.72 38.83 15.07
C PHE D 384 -5.68 39.87 16.18
N GLU D 385 -5.78 39.40 17.43
CA GLU D 385 -5.71 40.30 18.58
C GLU D 385 -4.34 40.97 18.65
N LEU D 386 -3.26 40.19 18.58
CA LEU D 386 -1.93 40.78 18.64
C LEU D 386 -1.72 41.79 17.52
N GLY D 387 -2.34 41.54 16.35
CA GLY D 387 -2.12 42.45 15.23
C GLY D 387 -3.15 43.56 15.14
N LYS D 388 -3.98 43.65 16.18
CA LYS D 388 -5.04 44.63 16.23
C LYS D 388 -5.85 44.63 14.94
N GLY D 389 -6.17 43.42 14.51
CA GLY D 389 -6.92 43.17 13.30
C GLY D 389 -6.07 42.90 12.07
N ASP D 390 -4.78 43.20 12.09
CA ASP D 390 -3.94 42.92 10.94
C ASP D 390 -3.25 41.56 11.09
N LEU D 391 -3.63 40.60 10.26
CA LEU D 391 -3.09 39.24 10.37
C LEU D 391 -1.61 39.15 10.02
N ALA D 392 -1.13 40.05 9.15
CA ALA D 392 0.31 39.98 8.87
C ALA D 392 1.12 40.42 10.08
N ILE D 393 0.77 41.55 10.70
CA ILE D 393 1.50 41.95 11.91
C ILE D 393 1.26 40.96 13.05
N GLY D 394 0.06 40.42 13.16
CA GLY D 394 -0.29 39.41 14.14
C GLY D 394 0.58 38.16 14.00
N THR D 395 0.90 37.81 12.76
CA THR D 395 1.79 36.67 12.52
C THR D 395 3.19 36.95 13.06
N VAL D 396 3.74 38.13 12.83
CA VAL D 396 5.07 38.44 13.38
C VAL D 396 5.11 38.37 14.90
N LYS D 397 4.12 38.99 15.55
CA LYS D 397 4.06 39.03 17.01
C LYS D 397 3.81 37.66 17.60
N ALA D 398 3.06 36.86 16.85
CA ALA D 398 2.77 35.51 17.34
C ALA D 398 4.04 34.68 17.36
N PHE D 399 4.92 34.86 16.35
CA PHE D 399 6.16 34.10 16.38
C PHE D 399 7.08 34.64 17.46
N GLU D 400 7.03 35.95 17.68
CA GLU D 400 7.79 36.59 18.74
C GLU D 400 7.37 36.08 20.11
N THR D 401 6.08 35.78 20.29
CA THR D 401 5.56 35.47 21.61
C THR D 401 5.32 33.98 21.84
N GLY D 402 5.63 33.17 20.84
CA GLY D 402 5.43 31.73 20.88
C GLY D 402 4.01 31.29 20.72
N VAL D 403 3.13 32.18 20.28
CA VAL D 403 1.73 31.81 20.05
C VAL D 403 1.63 30.85 18.88
N MET D 404 2.42 31.09 17.85
CA MET D 404 2.68 30.17 16.74
C MET D 404 4.10 29.65 16.95
N ASP D 405 4.26 28.34 16.93
CA ASP D 405 5.49 27.63 17.25
C ASP D 405 5.54 26.30 16.50
N ILE D 406 6.51 26.12 15.63
CA ILE D 406 6.61 24.99 14.71
C ILE D 406 7.64 23.98 15.19
N PRO D 407 7.23 22.73 15.47
CA PRO D 407 8.20 21.78 16.03
C PRO D 407 9.41 21.58 15.12
N PHE D 408 10.57 21.71 15.74
CA PHE D 408 11.87 21.47 15.14
C PHE D 408 12.25 22.51 14.08
N GLY D 409 11.53 23.62 13.96
CA GLY D 409 11.88 24.63 12.99
C GLY D 409 13.25 25.22 13.25
N PRO D 410 14.17 25.24 12.28
CA PRO D 410 15.49 25.84 12.49
C PRO D 410 15.51 27.37 12.63
N SER D 411 14.42 28.06 12.30
CA SER D 411 14.45 29.51 12.41
C SER D 411 14.68 30.03 13.83
N LYS D 412 15.58 30.99 13.96
CA LYS D 412 15.81 31.56 15.29
C LYS D 412 14.62 32.39 15.80
N TYR D 413 13.68 32.77 14.99
CA TYR D 413 12.44 33.49 15.21
C TYR D 413 11.31 32.55 15.64
N ASN D 414 11.59 31.27 15.68
CA ASN D 414 10.68 30.23 16.17
C ASN D 414 11.01 29.91 17.62
N ALA D 415 10.02 29.92 18.50
CA ALA D 415 10.21 29.74 19.93
C ALA D 415 10.79 28.38 20.28
N GLY D 416 10.31 27.29 19.70
CA GLY D 416 10.88 25.99 19.99
C GLY D 416 10.51 25.49 21.38
N LYS D 417 9.39 25.96 21.91
CA LYS D 417 8.88 25.63 23.22
C LYS D 417 7.84 24.51 23.17
N MET D 418 6.92 24.63 22.23
CA MET D 418 5.90 23.58 22.13
C MET D 418 6.54 22.25 21.76
N MET D 419 6.06 21.17 22.37
CA MET D 419 6.56 19.82 22.15
C MET D 419 5.40 18.89 21.84
N PRO D 420 5.42 18.22 20.69
CA PRO D 420 4.42 17.22 20.34
C PRO D 420 4.83 15.77 20.61
N VAL D 421 3.83 14.89 20.65
CA VAL D 421 4.04 13.46 20.88
C VAL D 421 2.76 12.70 20.53
N ARG D 422 2.84 11.42 20.19
CA ARG D 422 1.63 10.66 19.86
C ARG D 422 0.91 10.14 21.09
N ASP D 423 -0.41 10.01 20.94
CA ASP D 423 -1.25 9.38 21.96
C ASP D 423 -1.31 7.88 21.67
N ASN D 424 -2.18 7.14 22.37
CA ASN D 424 -2.06 5.68 22.34
C ASN D 424 -2.63 5.08 21.05
N LEU D 425 -3.38 5.88 20.31
CA LEU D 425 -3.89 5.50 19.02
C LEU D 425 -3.08 6.12 17.87
N GLY D 426 -1.99 6.80 18.21
CA GLY D 426 -1.11 7.31 17.17
C GLY D 426 -1.40 8.73 16.74
N CYS D 427 -2.40 9.37 17.36
CA CYS D 427 -2.72 10.76 17.02
C CYS D 427 -1.65 11.69 17.59
N VAL D 428 -1.17 12.65 16.80
CA VAL D 428 -0.22 13.64 17.32
C VAL D 428 -0.93 14.62 18.25
N ARG D 429 -0.41 14.73 19.46
CA ARG D 429 -0.96 15.62 20.47
C ARG D 429 0.07 16.65 20.94
N TYR D 430 -0.34 17.55 21.82
CA TYR D 430 0.53 18.52 22.45
C TYR D 430 0.97 17.98 23.83
N LEU D 431 2.27 17.79 24.01
CA LEU D 431 2.91 17.32 25.22
C LEU D 431 3.24 18.53 26.11
N GLU D 432 3.99 19.46 25.55
CA GLU D 432 4.31 20.73 26.20
C GLU D 432 3.71 21.86 25.37
N PHE D 433 2.91 22.73 25.98
CA PHE D 433 2.13 23.72 25.26
C PHE D 433 2.89 24.99 24.92
N GLY D 434 3.94 25.27 25.69
CA GLY D 434 4.60 26.55 25.50
C GLY D 434 3.63 27.70 25.71
N ASN D 435 3.71 28.71 24.83
CA ASN D 435 2.78 29.83 24.87
C ASN D 435 1.68 29.65 23.83
N VAL D 436 1.41 28.39 23.43
CA VAL D 436 0.26 28.24 22.50
C VAL D 436 -1.00 28.53 23.28
N PRO D 437 -1.81 29.47 22.81
CA PRO D 437 -2.89 30.03 23.64
C PRO D 437 -4.13 29.16 23.75
N PHE D 438 -4.00 27.96 24.30
CA PHE D 438 -5.16 27.11 24.47
C PHE D 438 -5.87 27.31 25.80
N THR D 439 -7.17 27.04 25.80
CA THR D 439 -7.90 27.04 27.06
C THR D 439 -7.57 25.77 27.85
N GLU D 440 -7.86 25.80 29.14
CA GLU D 440 -7.62 24.65 30.02
C GLU D 440 -8.37 23.43 29.54
N GLU D 441 -9.55 23.63 28.95
CA GLU D 441 -10.29 22.45 28.50
C GLU D 441 -9.58 21.70 27.38
N ILE D 442 -8.97 22.43 26.46
CA ILE D 442 -8.24 21.95 25.31
C ILE D 442 -6.95 21.29 25.76
N LYS D 443 -6.26 21.90 26.73
CA LYS D 443 -5.03 21.24 27.20
C LYS D 443 -5.34 19.94 27.95
N ASN D 444 -6.45 19.93 28.68
CA ASN D 444 -6.87 18.76 29.43
C ASN D 444 -7.25 17.59 28.52
N TYR D 445 -7.88 17.85 27.38
CA TYR D 445 -8.14 16.79 26.41
C TYR D 445 -6.85 16.20 25.88
N ASN D 446 -5.89 17.05 25.50
CA ASN D 446 -4.58 16.54 25.10
C ASN D 446 -3.94 15.68 26.18
N ARG D 447 -3.91 16.16 27.43
CA ARG D 447 -3.30 15.38 28.50
C ARG D 447 -3.98 14.03 28.71
N GLU D 448 -5.31 14.02 28.61
CA GLU D 448 -6.09 12.80 28.81
C GLU D 448 -5.78 11.76 27.74
N ARG D 449 -5.68 12.21 26.50
CA ARG D 449 -5.34 11.23 25.45
C ARG D 449 -3.96 10.65 25.73
N LEU D 450 -3.04 11.53 26.15
CA LEU D 450 -1.67 11.03 26.31
C LEU D 450 -1.52 10.13 27.53
N GLN D 451 -2.32 10.38 28.57
CA GLN D 451 -2.20 9.50 29.75
C GLN D 451 -2.54 8.07 29.38
N GLU D 452 -3.39 7.86 28.37
CA GLU D 452 -3.69 6.47 28.03
C GLU D 452 -2.48 5.76 27.44
N ARG D 453 -1.57 6.52 26.84
CA ARG D 453 -0.38 5.89 26.28
C ARG D 453 0.60 5.50 27.38
N ALA D 454 0.71 6.39 28.37
CA ALA D 454 1.54 6.12 29.54
C ALA D 454 1.07 4.86 30.26
N LYS D 455 -0.25 4.80 30.45
CA LYS D 455 -0.84 3.61 31.08
C LYS D 455 -0.55 2.36 30.26
N PHE D 456 -0.77 2.39 28.95
CA PHE D 456 -0.50 1.21 28.14
C PHE D 456 0.96 0.83 28.12
N GLU D 457 1.85 1.82 28.05
CA GLU D 457 3.26 1.51 27.90
C GLU D 457 3.94 1.37 29.26
N GLY D 458 3.34 1.85 30.34
CA GLY D 458 3.95 1.66 31.66
C GLY D 458 5.12 2.58 31.87
N ARG D 459 5.08 3.73 31.20
CA ARG D 459 6.13 4.73 31.40
C ARG D 459 5.50 6.12 31.34
N ASP D 460 6.07 7.09 32.03
CA ASP D 460 5.55 8.45 32.00
C ASP D 460 5.70 9.05 30.61
N VAL D 461 4.79 9.94 30.26
CA VAL D 461 4.88 10.63 28.98
C VAL D 461 6.11 11.53 29.02
N SER D 462 6.94 11.53 28.00
CA SER D 462 8.22 12.22 28.06
C SER D 462 8.84 12.52 26.70
N PHE D 463 9.93 13.31 26.74
CA PHE D 463 10.68 13.59 25.52
C PHE D 463 11.24 12.31 24.91
N GLN D 464 11.46 11.28 25.74
CA GLN D 464 11.93 10.01 25.19
C GLN D 464 10.89 9.40 24.26
N MET D 465 9.62 9.55 24.57
CA MET D 465 8.59 9.11 23.64
C MET D 465 8.63 9.88 22.32
N VAL D 466 8.93 11.17 22.41
CA VAL D 466 9.02 12.00 21.20
C VAL D 466 10.15 11.48 20.31
N ILE D 467 11.28 11.16 20.92
CA ILE D 467 12.43 10.64 20.21
C ILE D 467 12.06 9.31 19.55
N ASP D 468 11.39 8.48 20.33
CA ASP D 468 10.96 7.18 19.84
C ASP D 468 10.00 7.32 18.65
N ASP D 469 9.11 8.30 18.72
CA ASP D 469 8.13 8.61 17.68
C ASP D 469 8.81 9.12 16.42
N ILE D 470 9.89 9.90 16.59
CA ILE D 470 10.69 10.37 15.46
C ILE D 470 11.30 9.21 14.69
N PHE D 471 11.79 8.17 15.35
CA PHE D 471 12.37 7.02 14.66
C PHE D 471 11.42 5.90 14.29
N ALA D 472 10.18 5.90 14.76
CA ALA D 472 9.35 4.70 14.69
C ALA D 472 9.04 4.21 13.29
N VAL D 473 8.70 5.10 12.35
CA VAL D 473 8.34 4.59 11.02
C VAL D 473 9.54 3.95 10.35
N GLY D 474 10.72 4.56 10.47
CA GLY D 474 11.91 3.99 9.86
C GLY D 474 12.29 2.65 10.48
N LYS D 475 11.85 2.44 11.72
CA LYS D 475 12.02 1.16 12.42
C LYS D 475 10.81 0.25 12.25
N GLY D 476 9.77 0.64 11.52
CA GLY D 476 8.74 -0.33 11.16
C GLY D 476 7.36 -0.14 11.70
N ARG D 477 7.10 0.96 12.39
CA ARG D 477 5.73 1.14 12.90
C ARG D 477 5.43 2.61 13.18
N LEU D 478 4.15 2.93 13.37
CA LEU D 478 3.78 4.31 13.57
C LEU D 478 4.13 4.86 14.94
N ILE D 479 3.81 4.11 15.99
CA ILE D 479 3.96 4.57 17.37
C ILE D 479 5.23 4.02 18.00
N GLY D 480 5.99 4.90 18.66
CA GLY D 480 7.24 4.59 19.30
C GLY D 480 7.07 3.84 20.61
N ARG D 481 6.67 2.57 20.53
CA ARG D 481 6.44 1.76 21.72
C ARG D 481 7.80 1.40 22.33
N PRO D 482 7.85 1.20 23.63
CA PRO D 482 9.17 0.89 24.21
C PRO D 482 9.68 -0.46 23.68
N GLU D 483 10.99 -0.61 23.76
CA GLU D 483 11.81 -1.67 23.22
C GLU D 483 12.33 -1.25 21.84
#